data_8OFH
#
_entry.id   8OFH
#
_cell.length_a   62.730
_cell.length_b   102.400
_cell.length_c   89.790
_cell.angle_alpha   90.000
_cell.angle_beta   98.330
_cell.angle_gamma   90.000
#
_symmetry.space_group_name_H-M   'P 1 21 1'
#
loop_
_entity.id
_entity.type
_entity.pdbx_description
1 polymer 'Diadenylate cyclase'
2 water water
#
_entity_poly.entity_id   1
_entity_poly.type   'polypeptide(L)'
_entity_poly.pdbx_seq_one_letter_code
;GSHMASMNAPISAEEQMIRAFVKSVEYMSPRKIGALVAIQRVRTLQEYISTGIPLDAKISAELLINIFIPNTPLHDGAVI
IKEERIAVTSAYLPLTKNTGISKEFGTRHRAAIGLSEVSDALTFVVSEETGGISITYNGRFKHNLTLDEFETELREILLP
KEEVGLSFKERLLGGWKHEKK
;
_entity_poly.pdbx_strand_id   A,B,C,D,E,F
#
# COMPACT_ATOMS: atom_id res chain seq x y z
N ILE A 11 0.80 -12.89 0.06
CA ILE A 11 0.95 -11.52 -0.41
C ILE A 11 0.09 -10.59 0.43
N SER A 12 -0.79 -11.16 1.25
CA SER A 12 -1.67 -10.35 2.08
C SER A 12 -0.86 -9.48 3.03
N ALA A 13 -1.47 -8.37 3.45
CA ALA A 13 -0.83 -7.50 4.44
C ALA A 13 -0.54 -8.27 5.72
N GLU A 14 -1.45 -9.17 6.12
CA GLU A 14 -1.25 -9.95 7.33
C GLU A 14 -0.08 -10.91 7.18
N GLU A 15 0.01 -11.59 6.04
CA GLU A 15 1.12 -12.49 5.78
C GLU A 15 2.46 -11.74 5.79
N GLN A 16 2.53 -10.60 5.10
CA GLN A 16 3.76 -9.83 5.07
C GLN A 16 4.16 -9.39 6.47
N MET A 17 3.18 -8.97 7.26
CA MET A 17 3.47 -8.51 8.61
C MET A 17 3.98 -9.64 9.49
N ILE A 18 3.37 -10.82 9.40
CA ILE A 18 3.84 -11.97 10.18
C ILE A 18 5.28 -12.34 9.78
N ARG A 19 5.58 -12.34 8.48
CA ARG A 19 6.94 -12.66 8.06
C ARG A 19 7.94 -11.68 8.66
N ALA A 20 7.58 -10.39 8.69
CA ALA A 20 8.47 -9.38 9.25
C ALA A 20 8.65 -9.56 10.76
N PHE A 21 7.57 -9.87 11.50
CA PHE A 21 7.70 -10.16 12.92
C PHE A 21 8.67 -11.32 13.15
N VAL A 22 8.48 -12.41 12.42
CA VAL A 22 9.28 -13.61 12.63
C VAL A 22 10.76 -13.30 12.35
N LYS A 23 11.04 -12.64 11.22
CA LYS A 23 12.43 -12.35 10.86
C LYS A 23 13.07 -11.39 11.86
N SER A 24 12.31 -10.41 12.36
CA SER A 24 12.86 -9.50 13.36
C SER A 24 13.21 -10.25 14.64
N VAL A 25 12.38 -11.23 15.04
CA VAL A 25 12.63 -11.99 16.26
C VAL A 25 13.77 -13.00 16.06
N GLU A 26 13.91 -13.54 14.84
CA GLU A 26 15.05 -14.39 14.51
C GLU A 26 16.37 -13.66 14.74
N TYR A 27 16.41 -12.35 14.50
CA TYR A 27 17.60 -11.54 14.73
C TYR A 27 17.76 -11.19 16.20
N MET A 28 16.65 -10.77 16.84
CA MET A 28 16.77 -10.20 18.18
C MET A 28 16.92 -11.25 19.27
N SER A 29 16.24 -12.39 19.14
CA SER A 29 16.26 -13.37 20.21
C SER A 29 17.65 -13.92 20.52
N PRO A 30 18.42 -14.45 19.56
CA PRO A 30 19.79 -14.91 19.89
C PRO A 30 20.69 -13.81 20.39
N ARG A 31 20.38 -12.55 20.07
CA ARG A 31 21.18 -11.42 20.53
C ARG A 31 20.68 -10.83 21.84
N LYS A 32 19.63 -11.40 22.43
CA LYS A 32 19.06 -10.90 23.69
C LYS A 32 18.74 -9.40 23.60
N ILE A 33 18.17 -9.00 22.46
CA ILE A 33 17.75 -7.62 22.26
C ILE A 33 16.31 -7.54 22.73
N GLY A 34 16.04 -6.69 23.72
CA GLY A 34 14.67 -6.56 24.22
C GLY A 34 13.77 -5.93 23.17
N ALA A 35 12.55 -6.46 23.07
CA ALA A 35 11.58 -5.93 22.11
C ALA A 35 10.20 -6.09 22.70
N LEU A 36 9.32 -5.16 22.34
CA LEU A 36 7.94 -5.13 22.86
C LEU A 36 7.10 -4.60 21.71
N VAL A 37 6.26 -5.45 21.13
CA VAL A 37 5.45 -5.07 19.97
C VAL A 37 3.99 -5.42 20.25
N ALA A 38 3.15 -4.40 20.29
CA ALA A 38 1.72 -4.55 20.53
C ALA A 38 0.97 -4.32 19.22
N ILE A 39 0.09 -5.25 18.89
CA ILE A 39 -0.71 -5.21 17.67
C ILE A 39 -2.17 -4.95 18.02
N GLN A 40 -2.67 -3.80 17.57
CA GLN A 40 -4.08 -3.46 17.78
C GLN A 40 -4.99 -4.44 17.04
N ARG A 41 -6.03 -4.90 17.73
CA ARG A 41 -7.04 -5.76 17.11
C ARG A 41 -8.36 -4.98 17.16
N VAL A 42 -9.37 -5.45 17.87
CA VAL A 42 -10.66 -4.76 17.85
C VAL A 42 -10.63 -3.51 18.73
N ARG A 43 -10.04 -3.63 19.94
CA ARG A 43 -10.03 -2.53 20.90
C ARG A 43 -8.98 -1.52 20.50
N THR A 44 -9.37 -0.24 20.42
CA THR A 44 -8.40 0.75 19.97
C THR A 44 -7.37 1.04 21.05
N LEU A 45 -6.13 1.25 20.61
CA LEU A 45 -5.01 1.52 21.49
C LEU A 45 -4.59 2.98 21.42
N GLN A 46 -5.51 3.88 21.03
CA GLN A 46 -5.14 5.26 20.77
C GLN A 46 -4.57 5.96 22.00
N GLU A 47 -5.03 5.57 23.21
CA GLU A 47 -4.51 6.22 24.42
C GLU A 47 -3.04 5.91 24.58
N TYR A 48 -2.62 4.73 24.17
CA TYR A 48 -1.20 4.37 24.26
C TYR A 48 -0.42 4.88 23.07
N ILE A 49 -1.02 4.85 21.88
CA ILE A 49 -0.35 5.39 20.70
C ILE A 49 0.05 6.85 20.94
N SER A 50 -0.79 7.58 21.66
CA SER A 50 -0.58 9.01 21.89
C SER A 50 0.68 9.31 22.69
N THR A 51 1.20 8.33 23.42
CA THR A 51 2.42 8.45 24.24
C THR A 51 3.72 8.18 23.46
N GLY A 52 3.65 7.62 22.25
CA GLY A 52 4.81 7.18 21.51
C GLY A 52 5.29 8.19 20.49
N ILE A 53 6.33 7.80 19.75
CA ILE A 53 6.91 8.65 18.71
C ILE A 53 6.24 8.29 17.38
N PRO A 54 5.63 9.24 16.67
CA PRO A 54 4.87 8.88 15.46
C PRO A 54 5.80 8.46 14.32
N LEU A 55 5.55 7.27 13.78
CA LEU A 55 6.25 6.78 12.59
C LEU A 55 5.29 6.58 11.42
N ASP A 56 4.13 5.92 11.66
CA ASP A 56 3.19 5.60 10.59
C ASP A 56 3.92 4.98 9.39
N ALA A 57 4.70 3.95 9.68
CA ALA A 57 5.67 3.42 8.72
C ALA A 57 5.24 2.05 8.21
N LYS A 58 5.62 1.73 6.98
CA LYS A 58 5.49 0.36 6.47
C LYS A 58 6.24 -0.60 7.38
N ILE A 59 5.64 -1.76 7.62
CA ILE A 59 6.26 -2.78 8.47
C ILE A 59 7.31 -3.55 7.67
N SER A 60 8.53 -3.61 8.20
CA SER A 60 9.52 -4.51 7.62
C SER A 60 10.38 -5.06 8.74
N ALA A 61 10.98 -6.22 8.48
CA ALA A 61 11.90 -6.76 9.48
C ALA A 61 13.07 -5.79 9.69
N GLU A 62 13.57 -5.18 8.61
CA GLU A 62 14.70 -4.25 8.73
C GLU A 62 14.37 -3.09 9.66
N LEU A 63 13.19 -2.48 9.49
CA LEU A 63 12.81 -1.37 10.36
C LEU A 63 12.60 -1.86 11.80
N LEU A 64 11.91 -2.97 12.00
CA LEU A 64 11.74 -3.52 13.36
C LEU A 64 13.08 -3.75 14.03
N ILE A 65 14.04 -4.34 13.32
CA ILE A 65 15.36 -4.55 13.91
C ILE A 65 16.01 -3.21 14.25
N ASN A 66 16.01 -2.26 13.30
CA ASN A 66 16.63 -0.95 13.55
C ASN A 66 16.01 -0.25 14.77
N ILE A 67 14.69 -0.36 14.94
CA ILE A 67 14.01 0.33 16.06
C ILE A 67 14.57 -0.14 17.40
N PHE A 68 14.78 -1.44 17.55
CA PHE A 68 15.07 -2.02 18.86
C PHE A 68 16.55 -2.15 19.16
N ILE A 69 17.44 -1.71 18.27
CA ILE A 69 18.86 -1.76 18.58
C ILE A 69 19.11 -1.07 19.93
N PRO A 70 19.82 -1.69 20.85
CA PRO A 70 20.03 -1.09 22.19
C PRO A 70 20.66 0.29 22.13
N ASN A 71 20.26 1.14 23.10
CA ASN A 71 20.85 2.46 23.31
C ASN A 71 20.66 3.38 22.11
N THR A 72 19.52 3.26 21.46
CA THR A 72 19.15 4.13 20.35
C THR A 72 17.90 4.92 20.74
N PRO A 73 17.61 6.01 20.03
CA PRO A 73 16.46 6.85 20.43
C PRO A 73 15.10 6.14 20.39
N LEU A 74 14.89 5.17 19.50
CA LEU A 74 13.57 4.55 19.36
C LEU A 74 13.38 3.30 20.22
N HIS A 75 14.43 2.77 20.82
CA HIS A 75 14.35 1.39 21.31
C HIS A 75 13.56 1.23 22.60
N ASP A 76 13.44 2.27 23.43
CA ASP A 76 12.77 2.13 24.71
C ASP A 76 11.27 2.16 24.47
N GLY A 77 10.55 1.28 25.14
CA GLY A 77 9.10 1.32 25.05
C GLY A 77 8.56 0.39 23.98
N ALA A 78 7.26 0.51 23.77
CA ALA A 78 6.50 -0.37 22.90
C ALA A 78 6.36 0.21 21.50
N VAL A 79 6.57 -0.63 20.50
CA VAL A 79 6.05 -0.41 19.16
C VAL A 79 4.58 -0.78 19.15
N ILE A 80 3.73 0.05 18.53
CA ILE A 80 2.32 -0.28 18.38
C ILE A 80 2.01 -0.35 16.89
N ILE A 81 1.48 -1.46 16.48
CA ILE A 81 1.05 -1.75 15.12
C ILE A 81 -0.44 -1.46 15.02
N LYS A 82 -0.84 -0.79 13.96
CA LYS A 82 -2.23 -0.43 13.73
C LYS A 82 -2.45 -0.52 12.24
N GLU A 83 -3.41 -1.33 11.81
CA GLU A 83 -3.76 -1.46 10.40
C GLU A 83 -2.51 -1.71 9.55
N GLU A 84 -1.64 -2.59 10.05
CA GLU A 84 -0.48 -3.07 9.28
C GLU A 84 0.49 -1.94 8.93
N ARG A 85 0.59 -0.95 9.83
CA ARG A 85 1.67 0.02 9.89
C ARG A 85 2.24 0.03 11.29
N ILE A 86 3.50 0.44 11.39
CA ILE A 86 4.09 0.80 12.67
C ILE A 86 3.57 2.19 13.02
N ALA A 87 2.62 2.28 13.94
CA ALA A 87 2.05 3.59 14.23
C ALA A 87 3.04 4.43 15.02
N VAL A 88 3.61 3.87 16.08
CA VAL A 88 4.55 4.57 16.94
C VAL A 88 5.57 3.57 17.43
N THR A 89 6.71 4.09 17.87
CA THR A 89 7.61 3.39 18.78
C THR A 89 7.55 4.10 20.14
N SER A 90 8.24 3.53 21.11
CA SER A 90 8.54 4.23 22.37
C SER A 90 7.28 4.55 23.18
N ALA A 91 6.22 3.77 23.02
CA ALA A 91 4.96 4.02 23.69
C ALA A 91 4.94 3.39 25.09
N TYR A 92 4.20 4.01 25.98
CA TYR A 92 3.99 3.45 27.32
C TYR A 92 2.73 2.58 27.33
N LEU A 93 2.87 1.36 27.83
CA LEU A 93 1.75 0.45 28.07
C LEU A 93 1.51 0.32 29.57
N PRO A 94 0.31 -0.04 30.00
CA PRO A 94 0.08 -0.18 31.45
C PRO A 94 0.76 -1.44 31.97
N LEU A 95 1.43 -1.32 33.12
CA LEU A 95 2.03 -2.47 33.76
C LEU A 95 1.02 -3.24 34.61
N THR A 96 1.06 -4.56 34.51
CA THR A 96 0.15 -5.35 35.30
C THR A 96 0.53 -5.30 36.78
N LYS A 97 -0.45 -5.57 37.63
CA LYS A 97 -0.24 -5.74 39.06
C LYS A 97 -0.55 -7.16 39.49
N ASN A 98 -0.16 -8.12 38.66
CA ASN A 98 -0.59 -9.51 38.78
C ASN A 98 0.09 -10.28 39.92
N THR A 99 0.98 -9.63 40.68
CA THR A 99 1.61 -10.22 41.86
C THR A 99 2.58 -11.35 41.53
N GLY A 100 2.06 -12.51 41.15
CA GLY A 100 2.89 -13.68 40.95
C GLY A 100 3.50 -13.80 39.56
N ILE A 101 4.55 -13.03 39.31
CA ILE A 101 5.34 -13.11 38.09
C ILE A 101 6.79 -13.35 38.47
N SER A 102 7.39 -14.38 37.89
CA SER A 102 8.75 -14.76 38.24
C SER A 102 9.73 -13.65 37.91
N LYS A 103 10.88 -13.68 38.60
CA LYS A 103 11.96 -12.73 38.35
C LYS A 103 12.48 -12.83 36.91
N GLU A 104 12.32 -13.99 36.27
CA GLU A 104 12.75 -14.15 34.87
C GLU A 104 12.15 -13.07 33.98
N PHE A 105 10.92 -12.64 34.27
CA PHE A 105 10.20 -11.69 33.43
C PHE A 105 10.33 -10.28 33.98
N GLY A 106 10.53 -9.33 33.07
CA GLY A 106 10.78 -7.96 33.47
C GLY A 106 9.72 -6.96 33.02
N THR A 107 10.15 -5.72 32.85
CA THR A 107 9.21 -4.63 32.62
C THR A 107 8.49 -4.77 31.28
N ARG A 108 9.17 -5.30 30.26
CA ARG A 108 8.48 -5.51 28.98
C ARG A 108 7.35 -6.52 29.15
N HIS A 109 7.61 -7.59 29.91
CA HIS A 109 6.58 -8.59 30.15
C HIS A 109 5.42 -8.00 30.93
N ARG A 110 5.71 -7.21 31.96
CA ARG A 110 4.64 -6.62 32.75
C ARG A 110 3.79 -5.67 31.92
N ALA A 111 4.42 -4.99 30.94
CA ALA A 111 3.66 -4.12 30.04
C ALA A 111 2.79 -4.94 29.09
N ALA A 112 3.34 -6.05 28.57
CA ALA A 112 2.54 -6.91 27.70
C ALA A 112 1.37 -7.51 28.45
N ILE A 113 1.61 -7.96 29.69
CA ILE A 113 0.52 -8.54 30.46
C ILE A 113 -0.51 -7.47 30.77
N GLY A 114 -0.06 -6.28 31.18
CA GLY A 114 -0.99 -5.22 31.55
C GLY A 114 -1.85 -4.79 30.38
N LEU A 115 -1.26 -4.72 29.17
CA LEU A 115 -2.06 -4.36 28.00
C LEU A 115 -3.09 -5.44 27.69
N SER A 116 -2.71 -6.72 27.81
CA SER A 116 -3.67 -7.77 27.50
C SER A 116 -4.84 -7.81 28.48
N GLU A 117 -4.67 -7.23 29.68
CA GLU A 117 -5.74 -7.22 30.67
C GLU A 117 -6.86 -6.26 30.31
N VAL A 118 -6.58 -5.22 29.50
CA VAL A 118 -7.52 -4.14 29.23
C VAL A 118 -7.80 -3.98 27.72
N SER A 119 -7.38 -4.92 26.91
CA SER A 119 -7.57 -4.86 25.47
C SER A 119 -7.49 -6.28 24.92
N ASP A 120 -7.95 -6.45 23.67
CA ASP A 120 -7.71 -7.68 22.91
C ASP A 120 -6.46 -7.60 22.01
N ALA A 121 -5.50 -6.74 22.35
CA ALA A 121 -4.27 -6.64 21.56
C ALA A 121 -3.47 -7.93 21.64
N LEU A 122 -2.76 -8.24 20.55
CA LEU A 122 -1.73 -9.27 20.57
C LEU A 122 -0.38 -8.60 20.76
N THR A 123 0.30 -8.94 21.85
CA THR A 123 1.60 -8.33 22.15
C THR A 123 2.66 -9.40 22.21
N PHE A 124 3.82 -9.13 21.60
CA PHE A 124 4.94 -10.07 21.82
C PHE A 124 6.16 -9.36 22.38
N VAL A 125 6.99 -10.15 23.05
CA VAL A 125 8.14 -9.64 23.79
C VAL A 125 9.33 -10.54 23.50
N VAL A 126 10.48 -9.93 23.29
CA VAL A 126 11.76 -10.62 23.37
C VAL A 126 12.44 -10.12 24.62
N SER A 127 12.83 -11.05 25.49
CA SER A 127 13.46 -10.69 26.75
C SER A 127 14.87 -10.20 26.53
N GLU A 128 15.20 -9.05 27.10
CA GLU A 128 16.59 -8.62 27.05
C GLU A 128 17.50 -9.40 28.00
N GLU A 129 16.92 -10.12 28.98
CA GLU A 129 17.76 -10.90 29.88
C GLU A 129 18.07 -12.28 29.31
N THR A 130 17.12 -12.93 28.64
CA THR A 130 17.30 -14.31 28.19
C THR A 130 17.16 -14.52 26.69
N GLY A 131 16.60 -13.56 25.97
CA GLY A 131 16.23 -13.77 24.58
C GLY A 131 14.93 -14.54 24.38
N GLY A 132 14.27 -14.93 25.47
CA GLY A 132 13.03 -15.68 25.36
C GLY A 132 11.96 -14.90 24.63
N ILE A 133 11.08 -15.64 23.97
CA ILE A 133 9.98 -15.09 23.18
C ILE A 133 8.66 -15.37 23.91
N SER A 134 7.80 -14.36 24.01
CA SER A 134 6.54 -14.55 24.68
C SER A 134 5.48 -13.72 23.99
N ILE A 135 4.23 -14.08 24.30
CA ILE A 135 3.06 -13.46 23.69
C ILE A 135 2.03 -13.29 24.80
N THR A 136 1.32 -12.16 24.78
CA THR A 136 0.13 -12.05 25.62
C THR A 136 -1.06 -11.73 24.71
N TYR A 137 -2.22 -12.28 25.09
CA TYR A 137 -3.46 -12.17 24.31
C TYR A 137 -4.59 -12.53 25.27
N ASN A 138 -5.53 -11.60 25.48
CA ASN A 138 -6.78 -11.88 26.20
C ASN A 138 -6.53 -12.52 27.56
N GLY A 139 -5.56 -11.98 28.29
CA GLY A 139 -5.30 -12.41 29.66
C GLY A 139 -4.45 -13.66 29.79
N ARG A 140 -3.98 -14.22 28.67
CA ARG A 140 -3.11 -15.37 28.67
C ARG A 140 -1.69 -14.91 28.39
N PHE A 141 -0.73 -15.64 28.94
CA PHE A 141 0.69 -15.32 28.84
C PHE A 141 1.40 -16.59 28.42
N LYS A 142 1.88 -16.63 27.19
CA LYS A 142 2.57 -17.79 26.64
C LYS A 142 4.04 -17.44 26.54
N HIS A 143 4.89 -18.12 27.30
CA HIS A 143 6.27 -17.69 27.41
C HIS A 143 7.22 -18.81 27.03
N ASN A 144 8.47 -18.42 26.75
CA ASN A 144 9.54 -19.34 26.36
C ASN A 144 9.16 -20.12 25.09
N LEU A 145 8.54 -19.44 24.14
CA LEU A 145 8.18 -20.04 22.87
C LEU A 145 9.42 -20.27 22.01
N THR A 146 9.45 -21.41 21.32
CA THR A 146 10.38 -21.56 20.21
C THR A 146 9.97 -20.63 19.08
N LEU A 147 10.91 -20.40 18.15
CA LEU A 147 10.57 -19.58 16.99
C LEU A 147 9.39 -20.17 16.22
N ASP A 148 9.33 -21.49 16.09
CA ASP A 148 8.24 -22.08 15.33
C ASP A 148 6.92 -21.96 16.11
N GLU A 149 6.98 -22.08 17.43
CA GLU A 149 5.76 -21.91 18.22
C GLU A 149 5.26 -20.46 18.13
N PHE A 150 6.20 -19.51 18.17
CA PHE A 150 5.88 -18.10 18.03
C PHE A 150 5.15 -17.83 16.72
N GLU A 151 5.74 -18.28 15.60
CA GLU A 151 5.07 -18.10 14.31
C GLU A 151 3.69 -18.74 14.29
N THR A 152 3.55 -19.96 14.83
CA THR A 152 2.24 -20.62 14.86
C THR A 152 1.20 -19.79 15.62
N GLU A 153 1.60 -19.22 16.76
CA GLU A 153 0.65 -18.41 17.53
C GLU A 153 0.23 -17.17 16.75
N LEU A 154 1.21 -16.46 16.18
CA LEU A 154 0.91 -15.29 15.36
C LEU A 154 -0.08 -15.64 14.28
N ARG A 155 0.16 -16.77 13.60
CA ARG A 155 -0.69 -17.17 12.49
C ARG A 155 -2.08 -17.56 12.98
N GLU A 156 -2.18 -18.27 14.10
CA GLU A 156 -3.49 -18.65 14.60
C GLU A 156 -4.32 -17.42 14.96
N ILE A 157 -3.68 -16.42 15.59
CA ILE A 157 -4.42 -15.28 16.12
C ILE A 157 -4.68 -14.22 15.04
N LEU A 158 -3.70 -13.96 14.16
CA LEU A 158 -3.81 -12.85 13.23
C LEU A 158 -4.45 -13.21 11.89
N LEU A 159 -4.16 -14.38 11.34
CA LEU A 159 -4.66 -14.75 10.01
C LEU A 159 -6.17 -15.00 10.06
N PRO B 10 0.95 25.65 16.55
CA PRO B 10 1.15 24.70 15.45
C PRO B 10 2.19 25.20 14.45
N ILE B 11 2.98 24.28 13.88
CA ILE B 11 4.02 24.65 12.92
C ILE B 11 3.98 23.68 11.75
N SER B 12 4.42 24.16 10.58
CA SER B 12 4.23 23.46 9.32
C SER B 12 4.98 22.13 9.32
N ALA B 13 4.67 21.29 8.32
CA ALA B 13 5.45 20.07 8.14
C ALA B 13 6.87 20.39 7.70
N GLU B 14 7.04 21.45 6.88
CA GLU B 14 8.38 21.86 6.48
C GLU B 14 9.21 22.29 7.68
N GLU B 15 8.58 23.03 8.59
CA GLU B 15 9.28 23.45 9.80
C GLU B 15 9.67 22.25 10.65
N GLN B 16 8.73 21.32 10.88
CA GLN B 16 9.04 20.13 11.66
C GLN B 16 10.16 19.34 11.02
N MET B 17 10.15 19.24 9.69
CA MET B 17 11.18 18.46 9.04
C MET B 17 12.55 19.10 9.22
N ILE B 18 12.65 20.43 9.08
CA ILE B 18 13.93 21.11 9.27
C ILE B 18 14.43 20.94 10.71
N ARG B 19 13.53 21.08 11.68
CA ARG B 19 13.92 20.88 13.07
C ARG B 19 14.47 19.47 13.27
N ALA B 20 13.84 18.47 12.65
CA ALA B 20 14.31 17.09 12.80
C ALA B 20 15.67 16.88 12.18
N PHE B 21 15.93 17.47 11.00
CA PHE B 21 17.24 17.38 10.37
C PHE B 21 18.30 17.96 11.29
N VAL B 22 18.04 19.15 11.83
CA VAL B 22 19.02 19.82 12.67
C VAL B 22 19.33 18.98 13.90
N LYS B 23 18.28 18.47 14.57
CA LYS B 23 18.51 17.68 15.77
C LYS B 23 19.24 16.37 15.46
N SER B 24 18.90 15.72 14.36
CA SER B 24 19.57 14.46 14.01
C SER B 24 21.05 14.69 13.72
N VAL B 25 21.38 15.80 13.07
CA VAL B 25 22.77 16.11 12.73
C VAL B 25 23.54 16.51 13.97
N GLU B 26 22.87 17.22 14.91
CA GLU B 26 23.49 17.54 16.19
C GLU B 26 23.94 16.28 16.91
N TYR B 27 23.15 15.20 16.81
CA TYR B 27 23.48 13.93 17.43
C TYR B 27 24.60 13.20 16.65
N MET B 28 24.48 13.14 15.33
CA MET B 28 25.37 12.30 14.52
C MET B 28 26.74 12.91 14.37
N SER B 29 26.82 14.23 14.21
CA SER B 29 28.11 14.85 13.92
C SER B 29 29.16 14.62 15.00
N PRO B 30 28.94 14.99 16.29
CA PRO B 30 29.99 14.76 17.30
C PRO B 30 30.31 13.29 17.51
N ARG B 31 29.43 12.39 17.11
CA ARG B 31 29.66 10.96 17.19
C ARG B 31 30.29 10.39 15.93
N LYS B 32 30.47 11.22 14.89
CA LYS B 32 31.01 10.79 13.59
C LYS B 32 30.21 9.63 13.02
N ILE B 33 28.89 9.73 13.11
CA ILE B 33 28.01 8.75 12.50
C ILE B 33 27.72 9.24 11.08
N GLY B 34 28.10 8.44 10.09
CA GLY B 34 27.86 8.84 8.70
C GLY B 34 26.37 8.86 8.37
N ALA B 35 25.97 9.87 7.59
CA ALA B 35 24.57 10.02 7.21
C ALA B 35 24.50 10.63 5.81
N LEU B 36 23.48 10.21 5.07
CA LEU B 36 23.26 10.68 3.69
C LEU B 36 21.75 10.81 3.51
N VAL B 37 21.27 12.04 3.40
CA VAL B 37 19.83 12.33 3.30
C VAL B 37 19.59 13.22 2.07
N ALA B 38 18.82 12.73 1.11
CA ALA B 38 18.48 13.48 -0.10
C ALA B 38 17.01 13.88 -0.04
N ILE B 39 16.74 15.16 -0.31
CA ILE B 39 15.39 15.71 -0.28
C ILE B 39 14.95 16.04 -1.70
N GLN B 40 13.92 15.35 -2.16
CA GLN B 40 13.34 15.64 -3.46
C GLN B 40 12.75 17.04 -3.50
N ARG B 41 13.08 17.79 -4.57
CA ARG B 41 12.48 19.09 -4.83
C ARG B 41 11.62 19.00 -6.09
N VAL B 42 11.96 19.76 -7.14
CA VAL B 42 11.14 19.75 -8.35
C VAL B 42 11.36 18.47 -9.15
N ARG B 43 12.62 18.05 -9.31
CA ARG B 43 12.93 16.93 -10.19
C ARG B 43 12.70 15.63 -9.43
N THR B 44 11.86 14.73 -9.97
CA THR B 44 11.52 13.54 -9.21
C THR B 44 12.75 12.66 -8.99
N LEU B 45 12.85 12.11 -7.77
CA LEU B 45 13.90 11.15 -7.42
C LEU B 45 13.38 9.71 -7.43
N GLN B 46 12.24 9.48 -8.08
CA GLN B 46 11.58 8.17 -8.01
C GLN B 46 12.49 7.06 -8.51
N GLU B 47 13.31 7.33 -9.53
CA GLU B 47 14.19 6.27 -10.03
C GLU B 47 15.18 5.82 -8.96
N TYR B 48 15.60 6.72 -8.07
CA TYR B 48 16.50 6.34 -6.98
C TYR B 48 15.73 5.76 -5.81
N ILE B 49 14.53 6.29 -5.55
CA ILE B 49 13.68 5.72 -4.50
C ILE B 49 13.44 4.24 -4.76
N SER B 50 13.30 3.84 -6.03
CA SER B 50 12.99 2.46 -6.35
C SER B 50 14.10 1.49 -5.93
N THR B 51 15.30 2.00 -5.63
CA THR B 51 16.40 1.15 -5.21
C THR B 51 16.52 1.00 -3.70
N GLY B 52 15.71 1.73 -2.92
CA GLY B 52 15.83 1.75 -1.47
C GLY B 52 14.92 0.75 -0.77
N ILE B 53 15.01 0.79 0.56
CA ILE B 53 14.15 -0.01 1.42
C ILE B 53 12.93 0.83 1.79
N PRO B 54 11.71 0.41 1.45
CA PRO B 54 10.54 1.25 1.70
C PRO B 54 10.21 1.40 3.19
N LEU B 55 10.10 2.65 3.64
CA LEU B 55 9.59 2.99 4.96
C LEU B 55 8.28 3.76 4.88
N ASP B 56 8.23 4.79 4.01
CA ASP B 56 7.06 5.70 3.92
C ASP B 56 6.66 6.22 5.28
N ALA B 57 7.65 6.78 6.01
CA ALA B 57 7.47 7.07 7.42
C ALA B 57 7.47 8.59 7.65
N LYS B 58 6.75 9.01 8.68
CA LYS B 58 6.85 10.37 9.19
C LYS B 58 8.30 10.65 9.62
N ILE B 59 8.73 11.91 9.45
CA ILE B 59 10.10 12.29 9.78
C ILE B 59 10.20 12.66 11.26
N SER B 60 11.20 12.12 11.94
CA SER B 60 11.54 12.63 13.27
C SER B 60 13.04 12.54 13.42
N ALA B 61 13.59 13.38 14.31
CA ALA B 61 15.03 13.26 14.57
C ALA B 61 15.37 11.85 15.06
N GLU B 62 14.51 11.27 15.91
CA GLU B 62 14.81 9.97 16.49
C GLU B 62 14.88 8.86 15.44
N LEU B 63 13.94 8.88 14.49
CA LEU B 63 13.98 7.88 13.42
C LEU B 63 15.21 8.07 12.51
N LEU B 64 15.54 9.30 12.19
CA LEU B 64 16.75 9.54 11.38
C LEU B 64 17.99 9.02 12.09
N ILE B 65 18.12 9.31 13.38
CA ILE B 65 19.24 8.79 14.14
C ILE B 65 19.23 7.26 14.13
N ASN B 66 18.06 6.64 14.38
CA ASN B 66 18.04 5.17 14.45
C ASN B 66 18.45 4.56 13.12
N ILE B 67 18.06 5.20 12.02
CA ILE B 67 18.40 4.72 10.68
C ILE B 67 19.91 4.62 10.50
N PHE B 68 20.65 5.63 10.98
CA PHE B 68 22.07 5.74 10.64
C PHE B 68 23.01 5.11 11.66
N ILE B 69 22.47 4.62 12.80
CA ILE B 69 23.30 3.91 13.75
C ILE B 69 24.07 2.82 13.03
N PRO B 70 25.38 2.82 13.11
CA PRO B 70 26.19 1.85 12.35
C PRO B 70 25.79 0.39 12.54
N ASN B 71 26.13 -0.43 11.54
CA ASN B 71 25.92 -1.88 11.58
C ASN B 71 24.46 -2.22 11.89
N THR B 72 23.55 -1.49 11.27
CA THR B 72 22.14 -1.80 11.27
C THR B 72 21.68 -2.05 9.86
N PRO B 73 20.54 -2.75 9.68
CA PRO B 73 20.05 -3.04 8.31
C PRO B 73 19.77 -1.80 7.47
N LEU B 74 19.59 -0.62 8.06
CA LEU B 74 19.15 0.55 7.30
C LEU B 74 20.24 1.60 7.04
N HIS B 75 21.42 1.50 7.65
CA HIS B 75 22.33 2.65 7.67
C HIS B 75 23.12 2.89 6.37
N ASP B 76 23.29 1.90 5.51
CA ASP B 76 24.12 2.11 4.32
C ASP B 76 23.26 2.77 3.24
N GLY B 77 23.86 3.64 2.45
CA GLY B 77 23.09 4.27 1.38
C GLY B 77 22.31 5.50 1.83
N ALA B 78 21.46 5.95 0.92
CA ALA B 78 20.78 7.24 1.06
C ALA B 78 19.37 7.08 1.58
N VAL B 79 19.03 7.89 2.60
CA VAL B 79 17.64 8.19 2.90
C VAL B 79 17.11 9.17 1.84
N ILE B 80 15.91 8.90 1.30
CA ILE B 80 15.31 9.84 0.35
C ILE B 80 14.00 10.35 0.94
N ILE B 81 13.89 11.67 1.06
CA ILE B 81 12.70 12.37 1.55
C ILE B 81 11.86 12.81 0.36
N LYS B 82 10.56 12.54 0.41
CA LYS B 82 9.64 12.99 -0.61
C LYS B 82 8.35 13.41 0.10
N GLU B 83 7.87 14.62 -0.16
CA GLU B 83 6.61 15.10 0.42
C GLU B 83 6.58 14.92 1.95
N GLU B 84 7.66 15.36 2.60
CA GLU B 84 7.77 15.38 4.07
C GLU B 84 7.60 13.99 4.69
N ARG B 85 8.04 12.96 3.97
CA ARG B 85 8.10 11.61 4.49
C ARG B 85 9.44 11.01 4.10
N ILE B 86 9.91 10.08 4.92
CA ILE B 86 11.07 9.25 4.56
C ILE B 86 10.53 8.14 3.67
N ALA B 87 10.75 8.27 2.38
CA ALA B 87 10.21 7.29 1.47
C ALA B 87 10.99 5.98 1.59
N VAL B 88 12.32 6.07 1.59
CA VAL B 88 13.18 4.90 1.64
C VAL B 88 14.45 5.23 2.41
N THR B 89 15.12 4.18 2.87
CA THR B 89 16.52 4.23 3.24
C THR B 89 17.33 3.41 2.24
N SER B 90 18.65 3.52 2.37
CA SER B 90 19.57 2.62 1.67
C SER B 90 19.46 2.73 0.15
N ALA B 91 19.07 3.90 -0.35
CA ALA B 91 18.94 4.06 -1.79
C ALA B 91 20.30 4.31 -2.43
N TYR B 92 20.42 3.95 -3.70
CA TYR B 92 21.66 4.12 -4.43
C TYR B 92 21.58 5.40 -5.25
N LEU B 93 22.54 6.32 -5.03
CA LEU B 93 22.65 7.57 -5.74
C LEU B 93 23.85 7.54 -6.70
N PRO B 94 23.83 8.29 -7.79
CA PRO B 94 24.98 8.30 -8.69
C PRO B 94 26.20 8.91 -8.00
N LEU B 95 27.35 8.30 -8.21
CA LEU B 95 28.60 8.76 -7.61
C LEU B 95 29.34 9.66 -8.58
N THR B 96 29.75 10.84 -8.11
CA THR B 96 30.56 11.70 -8.95
C THR B 96 32.00 11.16 -9.06
N LYS B 97 32.69 11.59 -10.11
CA LYS B 97 34.12 11.31 -10.21
C LYS B 97 34.87 12.14 -9.19
N ASN B 98 35.89 11.54 -8.54
CA ASN B 98 36.55 12.18 -7.40
C ASN B 98 38.04 12.38 -7.65
N THR B 99 38.44 12.61 -8.91
CA THR B 99 39.85 12.89 -9.19
C THR B 99 40.30 14.09 -8.38
N GLY B 100 41.46 13.96 -7.73
CA GLY B 100 42.06 15.05 -6.99
C GLY B 100 41.38 15.41 -5.68
N ILE B 101 40.28 14.74 -5.35
CA ILE B 101 39.50 15.05 -4.14
C ILE B 101 40.24 14.57 -2.90
N SER B 102 40.23 15.40 -1.86
CA SER B 102 40.96 15.09 -0.63
C SER B 102 40.49 13.75 -0.07
N LYS B 103 41.44 12.99 0.46
CA LYS B 103 41.15 11.67 0.99
C LYS B 103 40.12 11.69 2.10
N GLU B 104 39.86 12.86 2.70
CA GLU B 104 38.92 12.95 3.83
C GLU B 104 37.47 12.74 3.42
N PHE B 105 37.13 12.93 2.15
CA PHE B 105 35.77 12.77 1.70
C PHE B 105 35.54 11.34 1.27
N GLY B 106 34.29 10.91 1.37
CA GLY B 106 33.98 9.50 1.21
C GLY B 106 32.87 9.23 0.23
N THR B 107 32.38 7.99 0.22
CA THR B 107 31.37 7.61 -0.74
C THR B 107 30.09 8.44 -0.58
N ARG B 108 29.77 8.84 0.67
CA ARG B 108 28.58 9.65 0.90
C ARG B 108 28.69 10.99 0.22
N HIS B 109 29.88 11.62 0.26
CA HIS B 109 30.06 12.89 -0.43
C HIS B 109 29.97 12.72 -1.95
N ARG B 110 30.52 11.61 -2.47
CA ARG B 110 30.44 11.35 -3.91
C ARG B 110 28.99 11.18 -4.37
N ALA B 111 28.16 10.53 -3.53
CA ALA B 111 26.75 10.33 -3.83
C ALA B 111 25.97 11.66 -3.78
N ALA B 112 26.23 12.48 -2.76
CA ALA B 112 25.57 13.79 -2.68
C ALA B 112 25.96 14.68 -3.84
N ILE B 113 27.26 14.74 -4.16
CA ILE B 113 27.66 15.57 -5.28
C ILE B 113 27.08 15.03 -6.59
N GLY B 114 27.15 13.72 -6.79
CA GLY B 114 26.64 13.15 -8.02
C GLY B 114 25.15 13.43 -8.20
N LEU B 115 24.37 13.31 -7.11
CA LEU B 115 22.93 13.59 -7.23
C LEU B 115 22.69 15.05 -7.58
N SER B 116 23.48 15.96 -6.99
CA SER B 116 23.28 17.39 -7.23
C SER B 116 23.65 17.80 -8.65
N GLU B 117 24.43 16.98 -9.35
CA GLU B 117 24.78 17.25 -10.75
C GLU B 117 23.68 16.87 -11.72
N VAL B 118 22.67 16.09 -11.31
CA VAL B 118 21.64 15.64 -12.24
C VAL B 118 20.23 15.90 -11.73
N SER B 119 20.11 16.74 -10.70
CA SER B 119 18.81 17.05 -10.13
C SER B 119 18.92 18.34 -9.34
N ASP B 120 17.76 18.86 -8.91
CA ASP B 120 17.72 19.98 -7.99
C ASP B 120 17.49 19.54 -6.56
N ALA B 121 17.87 18.32 -6.23
CA ALA B 121 17.64 17.82 -4.89
C ALA B 121 18.53 18.57 -3.89
N LEU B 122 18.08 18.61 -2.64
CA LEU B 122 18.90 19.11 -1.54
C LEU B 122 19.37 17.89 -0.76
N THR B 123 20.69 17.67 -0.71
CA THR B 123 21.24 16.50 -0.05
C THR B 123 22.20 16.95 1.04
N PHE B 124 22.16 16.30 2.21
CA PHE B 124 23.15 16.62 3.23
C PHE B 124 23.83 15.35 3.73
N VAL B 125 25.03 15.55 4.24
CA VAL B 125 25.92 14.45 4.61
C VAL B 125 26.51 14.77 5.98
N VAL B 126 26.60 13.75 6.83
CA VAL B 126 27.48 13.78 7.99
C VAL B 126 28.61 12.80 7.71
N SER B 127 29.85 13.27 7.79
CA SER B 127 30.99 12.42 7.47
C SER B 127 31.27 11.39 8.55
N GLU B 128 31.33 10.12 8.14
CA GLU B 128 31.84 9.08 9.03
C GLU B 128 33.30 9.33 9.41
N GLU B 129 34.05 10.06 8.59
CA GLU B 129 35.48 10.21 8.86
C GLU B 129 35.77 11.35 9.84
N THR B 130 35.09 12.48 9.70
CA THR B 130 35.39 13.67 10.46
C THR B 130 34.21 14.20 11.26
N GLY B 131 33.00 13.69 11.04
CA GLY B 131 31.80 14.31 11.59
C GLY B 131 31.39 15.59 10.88
N GLY B 132 32.15 16.03 9.86
CA GLY B 132 31.79 17.24 9.15
C GLY B 132 30.40 17.18 8.54
N ILE B 133 29.78 18.35 8.47
CA ILE B 133 28.43 18.51 7.94
C ILE B 133 28.56 19.20 6.57
N SER B 134 27.89 18.65 5.57
CA SER B 134 27.94 19.28 4.24
C SER B 134 26.58 19.16 3.57
N ILE B 135 26.41 19.97 2.53
CA ILE B 135 25.16 20.06 1.78
C ILE B 135 25.53 20.17 0.31
N THR B 136 24.77 19.50 -0.57
CA THR B 136 24.92 19.76 -1.99
C THR B 136 23.60 20.26 -2.53
N TYR B 137 23.69 21.17 -3.50
CA TYR B 137 22.49 21.74 -4.10
C TYR B 137 22.89 22.39 -5.43
N ASN B 138 22.22 21.98 -6.50
CA ASN B 138 22.44 22.53 -7.84
C ASN B 138 23.92 22.53 -8.21
N GLY B 139 24.58 21.40 -7.95
CA GLY B 139 25.97 21.20 -8.28
C GLY B 139 26.98 21.85 -7.36
N ARG B 140 26.54 22.61 -6.36
CA ARG B 140 27.43 23.25 -5.40
C ARG B 140 27.64 22.38 -4.16
N PHE B 141 28.88 22.35 -3.67
CA PHE B 141 29.25 21.59 -2.49
C PHE B 141 29.62 22.58 -1.38
N LYS B 142 28.88 22.55 -0.29
CA LYS B 142 29.16 23.41 0.86
C LYS B 142 29.57 22.49 2.00
N HIS B 143 30.81 22.59 2.45
CA HIS B 143 31.29 21.62 3.42
C HIS B 143 31.83 22.29 4.68
N ASN B 144 32.09 21.43 5.67
CA ASN B 144 32.52 21.86 7.01
C ASN B 144 31.63 22.95 7.58
N LEU B 145 30.30 22.75 7.46
CA LEU B 145 29.34 23.70 8.01
C LEU B 145 29.26 23.55 9.53
N THR B 146 29.06 24.68 10.22
CA THR B 146 28.58 24.57 11.59
C THR B 146 27.11 24.17 11.57
N LEU B 147 26.64 23.68 12.72
CA LEU B 147 25.23 23.33 12.81
C LEU B 147 24.35 24.52 12.44
N ASP B 148 24.72 25.72 12.89
CA ASP B 148 23.90 26.89 12.60
C ASP B 148 23.94 27.25 11.11
N GLU B 149 25.11 27.15 10.49
CA GLU B 149 25.21 27.40 9.04
C GLU B 149 24.41 26.36 8.26
N PHE B 150 24.47 25.11 8.68
CA PHE B 150 23.65 24.04 8.12
C PHE B 150 22.17 24.39 8.18
N GLU B 151 21.68 24.77 9.37
CA GLU B 151 20.27 25.14 9.50
C GLU B 151 19.92 26.31 8.58
N THR B 152 20.82 27.30 8.49
CA THR B 152 20.58 28.47 7.63
C THR B 152 20.43 28.05 6.17
N GLU B 153 21.26 27.11 5.71
CA GLU B 153 21.18 26.64 4.33
C GLU B 153 19.87 25.91 4.08
N LEU B 154 19.48 25.02 5.01
CA LEU B 154 18.20 24.32 4.90
C LEU B 154 17.04 25.29 4.78
N ARG B 155 17.00 26.31 5.63
CA ARG B 155 15.90 27.26 5.61
C ARG B 155 15.90 28.06 4.32
N GLU B 156 17.07 28.51 3.87
CA GLU B 156 17.13 29.33 2.67
C GLU B 156 16.58 28.59 1.45
N ILE B 157 16.79 27.28 1.39
CA ILE B 157 16.39 26.47 0.24
C ILE B 157 14.97 25.96 0.40
N LEU B 158 14.63 25.38 1.55
CA LEU B 158 13.35 24.76 1.78
C LEU B 158 12.26 25.74 2.19
N LEU B 159 12.63 26.90 2.73
CA LEU B 159 11.68 27.94 3.13
C LEU B 159 12.16 29.27 2.54
N PRO B 160 12.15 29.40 1.21
CA PRO B 160 12.79 30.57 0.58
C PRO B 160 12.03 31.87 0.75
N LYS B 161 11.14 31.92 1.74
CA LYS B 161 10.32 33.09 2.09
C LYS B 161 10.99 34.44 1.83
N ILE C 11 -12.06 -7.47 2.96
CA ILE C 11 -12.32 -7.57 1.52
C ILE C 11 -11.89 -6.28 0.80
N SER C 12 -11.78 -6.34 -0.53
CA SER C 12 -11.31 -5.19 -1.29
C SER C 12 -12.17 -3.97 -1.02
N ALA C 13 -11.55 -2.79 -1.12
CA ALA C 13 -12.32 -1.56 -1.01
C ALA C 13 -13.31 -1.44 -2.16
N GLU C 14 -12.97 -2.04 -3.31
CA GLU C 14 -13.92 -2.10 -4.43
C GLU C 14 -15.13 -2.96 -4.05
N GLU C 15 -14.89 -4.11 -3.44
CA GLU C 15 -15.98 -4.98 -3.01
C GLU C 15 -16.83 -4.31 -1.94
N GLN C 16 -16.18 -3.71 -0.93
CA GLN C 16 -16.90 -2.92 0.06
C GLN C 16 -17.77 -1.88 -0.62
N MET C 17 -17.22 -1.17 -1.61
CA MET C 17 -17.96 -0.08 -2.22
C MET C 17 -19.14 -0.62 -3.04
N ILE C 18 -18.94 -1.75 -3.74
CA ILE C 18 -20.03 -2.36 -4.50
C ILE C 18 -21.15 -2.83 -3.58
N ARG C 19 -20.78 -3.51 -2.48
CA ARG C 19 -21.79 -3.91 -1.50
C ARG C 19 -22.58 -2.71 -0.99
N ALA C 20 -21.89 -1.60 -0.74
CA ALA C 20 -22.57 -0.40 -0.27
C ALA C 20 -23.50 0.16 -1.34
N PHE C 21 -23.09 0.12 -2.61
CA PHE C 21 -23.95 0.59 -3.68
C PHE C 21 -25.24 -0.24 -3.74
N VAL C 22 -25.10 -1.57 -3.73
CA VAL C 22 -26.25 -2.46 -3.87
C VAL C 22 -27.20 -2.25 -2.71
N LYS C 23 -26.66 -2.15 -1.49
CA LYS C 23 -27.50 -2.00 -0.30
C LYS C 23 -28.21 -0.65 -0.31
N SER C 24 -27.50 0.41 -0.72
CA SER C 24 -28.15 1.73 -0.77
C SER C 24 -29.28 1.75 -1.77
N VAL C 25 -29.08 1.09 -2.92
CA VAL C 25 -30.11 1.06 -3.95
C VAL C 25 -31.28 0.17 -3.53
N GLU C 26 -31.00 -0.94 -2.85
CA GLU C 26 -32.07 -1.80 -2.34
C GLU C 26 -32.99 -1.02 -1.41
N TYR C 27 -32.41 -0.11 -0.62
CA TYR C 27 -33.21 0.76 0.24
C TYR C 27 -33.96 1.80 -0.57
N MET C 28 -33.26 2.52 -1.47
CA MET C 28 -33.92 3.66 -2.12
C MET C 28 -34.95 3.28 -3.17
N SER C 29 -34.76 2.17 -3.88
CA SER C 29 -35.64 1.87 -5.01
C SER C 29 -37.10 1.72 -4.57
N PRO C 30 -37.44 0.81 -3.65
CA PRO C 30 -38.86 0.63 -3.32
C PRO C 30 -39.47 1.85 -2.63
N ARG C 31 -38.63 2.73 -2.09
CA ARG C 31 -39.08 3.98 -1.51
C ARG C 31 -39.16 5.09 -2.54
N LYS C 32 -38.71 4.84 -3.77
CA LYS C 32 -38.69 5.85 -4.84
C LYS C 32 -37.92 7.10 -4.41
N ILE C 33 -36.79 6.90 -3.75
CA ILE C 33 -35.85 7.97 -3.44
C ILE C 33 -34.91 8.14 -4.64
N GLY C 34 -34.98 9.30 -5.28
CA GLY C 34 -34.12 9.54 -6.44
C GLY C 34 -32.66 9.62 -6.04
N ALA C 35 -31.80 9.02 -6.85
CA ALA C 35 -30.38 9.03 -6.56
C ALA C 35 -29.61 9.14 -7.87
N LEU C 36 -28.43 9.73 -7.80
CA LEU C 36 -27.59 9.95 -8.97
C LEU C 36 -26.15 9.85 -8.48
N VAL C 37 -25.46 8.77 -8.84
CA VAL C 37 -24.13 8.49 -8.32
C VAL C 37 -23.20 8.25 -9.51
N ALA C 38 -22.22 9.14 -9.68
CA ALA C 38 -21.21 8.99 -10.73
C ALA C 38 -19.89 8.51 -10.16
N ILE C 39 -19.34 7.43 -10.73
CA ILE C 39 -18.09 6.84 -10.29
C ILE C 39 -17.01 7.15 -11.32
N GLN C 40 -16.03 7.97 -10.93
CA GLN C 40 -14.91 8.23 -11.83
C GLN C 40 -14.16 6.95 -12.13
N ARG C 41 -13.88 6.74 -13.42
CA ARG C 41 -13.03 5.62 -13.80
C ARG C 41 -11.66 6.14 -14.22
N VAL C 42 -11.33 6.11 -15.51
CA VAL C 42 -10.00 6.56 -15.91
C VAL C 42 -10.00 8.04 -16.30
N ARG C 43 -11.00 8.50 -17.05
CA ARG C 43 -11.09 9.92 -17.35
C ARG C 43 -11.36 10.70 -16.08
N THR C 44 -10.58 11.75 -15.84
CA THR C 44 -10.75 12.52 -14.60
C THR C 44 -11.99 13.39 -14.69
N LEU C 45 -12.65 13.57 -13.53
CA LEU C 45 -13.92 14.29 -13.50
C LEU C 45 -13.84 15.59 -12.70
N GLN C 46 -12.66 16.22 -12.68
CA GLN C 46 -12.45 17.34 -11.78
C GLN C 46 -13.30 18.54 -12.17
N GLU C 47 -13.67 18.69 -13.45
CA GLU C 47 -14.50 19.85 -13.80
C GLU C 47 -15.87 19.74 -13.15
N TYR C 48 -16.33 18.52 -12.89
CA TYR C 48 -17.63 18.34 -12.25
C TYR C 48 -17.52 18.23 -10.73
N ILE C 49 -16.47 17.57 -10.24
CA ILE C 49 -16.23 17.49 -8.80
C ILE C 49 -16.13 18.88 -8.18
N SER C 50 -15.49 19.82 -8.89
CA SER C 50 -15.31 21.19 -8.40
C SER C 50 -16.63 21.95 -8.25
N THR C 51 -17.72 21.45 -8.80
CA THR C 51 -19.02 22.08 -8.63
C THR C 51 -19.80 21.58 -7.43
N GLY C 52 -19.34 20.54 -6.76
CA GLY C 52 -20.11 19.91 -5.71
C GLY C 52 -19.75 20.40 -4.30
N ILE C 53 -20.41 19.82 -3.32
CA ILE C 53 -20.14 20.11 -1.92
C ILE C 53 -19.07 19.12 -1.44
N PRO C 54 -17.93 19.58 -0.94
CA PRO C 54 -16.86 18.64 -0.57
C PRO C 54 -17.25 17.79 0.64
N LEU C 55 -17.14 16.46 0.48
CA LEU C 55 -17.29 15.52 1.58
C LEU C 55 -16.02 14.73 1.84
N ASP C 56 -15.36 14.23 0.78
CA ASP C 56 -14.19 13.37 0.94
C ASP C 56 -14.41 12.31 2.00
N ALA C 57 -15.52 11.58 1.87
CA ALA C 57 -16.00 10.69 2.93
C ALA C 57 -15.86 9.23 2.51
N LYS C 58 -15.66 8.37 3.52
CA LYS C 58 -15.80 6.94 3.31
C LYS C 58 -17.18 6.59 2.78
N ILE C 59 -17.22 5.57 1.92
CA ILE C 59 -18.47 5.10 1.33
C ILE C 59 -19.17 4.15 2.28
N SER C 60 -20.46 4.38 2.52
CA SER C 60 -21.30 3.43 3.23
C SER C 60 -22.71 3.52 2.69
N ALA C 61 -23.43 2.41 2.79
CA ALA C 61 -24.82 2.42 2.34
C ALA C 61 -25.61 3.47 3.12
N GLU C 62 -25.34 3.57 4.43
CA GLU C 62 -26.08 4.51 5.28
C GLU C 62 -25.81 5.96 4.87
N LEU C 63 -24.55 6.29 4.52
CA LEU C 63 -24.28 7.66 4.10
C LEU C 63 -24.94 7.96 2.77
N LEU C 64 -24.83 7.05 1.81
CA LEU C 64 -25.50 7.26 0.52
C LEU C 64 -27.00 7.49 0.70
N ILE C 65 -27.65 6.68 1.53
CA ILE C 65 -29.08 6.89 1.78
C ILE C 65 -29.32 8.27 2.37
N ASN C 66 -28.55 8.65 3.42
CA ASN C 66 -28.81 9.94 4.05
C ASN C 66 -28.63 11.09 3.09
N ILE C 67 -27.69 10.97 2.16
CA ILE C 67 -27.43 12.02 1.17
C ILE C 67 -28.67 12.30 0.33
N PHE C 68 -29.37 11.26 -0.12
CA PHE C 68 -30.44 11.43 -1.10
C PHE C 68 -31.83 11.56 -0.47
N ILE C 69 -31.93 11.60 0.85
CA ILE C 69 -33.25 11.79 1.44
C ILE C 69 -33.88 13.05 0.88
N PRO C 70 -35.15 13.02 0.45
CA PRO C 70 -35.75 14.17 -0.24
C PRO C 70 -35.78 15.42 0.63
N ASN C 71 -35.66 16.59 -0.01
CA ASN C 71 -35.82 17.89 0.66
C ASN C 71 -34.78 18.08 1.78
N THR C 72 -33.55 17.69 1.51
CA THR C 72 -32.43 17.87 2.42
C THR C 72 -31.36 18.66 1.68
N PRO C 73 -30.42 19.27 2.40
CA PRO C 73 -29.43 20.12 1.73
C PRO C 73 -28.54 19.39 0.74
N LEU C 74 -28.32 18.08 0.90
CA LEU C 74 -27.37 17.40 0.02
C LEU C 74 -28.01 16.67 -1.17
N HIS C 75 -29.35 16.54 -1.20
CA HIS C 75 -29.91 15.50 -2.07
C HIS C 75 -29.94 15.86 -3.55
N ASP C 76 -29.89 17.15 -3.91
CA ASP C 76 -30.02 17.59 -5.30
C ASP C 76 -28.66 17.49 -5.97
N GLY C 77 -28.64 17.02 -7.21
CA GLY C 77 -27.36 16.91 -7.92
C GLY C 77 -26.71 15.55 -7.73
N ALA C 78 -25.49 15.42 -8.27
CA ALA C 78 -24.83 14.13 -8.33
C ALA C 78 -23.85 13.97 -7.18
N VAL C 79 -23.83 12.75 -6.61
CA VAL C 79 -22.68 12.29 -5.85
C VAL C 79 -21.60 11.84 -6.84
N ILE C 80 -20.35 12.19 -6.56
CA ILE C 80 -19.24 11.72 -7.41
C ILE C 80 -18.26 10.97 -6.55
N ILE C 81 -18.00 9.73 -6.92
CA ILE C 81 -17.08 8.83 -6.25
C ILE C 81 -15.72 8.93 -6.93
N LYS C 82 -14.67 9.10 -6.14
CA LYS C 82 -13.31 9.07 -6.66
C LYS C 82 -12.46 8.26 -5.70
N GLU C 83 -11.71 7.29 -6.22
CA GLU C 83 -10.81 6.48 -5.42
C GLU C 83 -11.50 5.92 -4.16
N GLU C 84 -12.70 5.36 -4.37
CA GLU C 84 -13.46 4.69 -3.30
C GLU C 84 -13.78 5.63 -2.14
N ARG C 85 -13.95 6.90 -2.45
CA ARG C 85 -14.47 7.87 -1.50
C ARG C 85 -15.59 8.65 -2.18
N ILE C 86 -16.52 9.14 -1.37
CA ILE C 86 -17.50 10.11 -1.85
C ILE C 86 -16.80 11.46 -1.87
N ALA C 87 -16.37 11.91 -3.05
CA ALA C 87 -15.65 13.18 -3.10
C ALA C 87 -16.59 14.36 -2.81
N VAL C 88 -17.74 14.41 -3.49
CA VAL C 88 -18.69 15.51 -3.35
C VAL C 88 -20.10 14.96 -3.49
N THR C 89 -21.08 15.74 -3.02
CA THR C 89 -22.48 15.62 -3.41
C THR C 89 -22.85 16.88 -4.17
N SER C 90 -24.07 16.90 -4.69
CA SER C 90 -24.67 18.12 -5.20
C SER C 90 -23.89 18.69 -6.38
N ALA C 91 -23.27 17.81 -7.17
CA ALA C 91 -22.43 18.25 -8.27
C ALA C 91 -23.25 18.39 -9.53
N TYR C 92 -22.86 19.33 -10.38
CA TYR C 92 -23.42 19.47 -11.72
C TYR C 92 -22.84 18.41 -12.64
N LEU C 93 -23.71 17.75 -13.42
CA LEU C 93 -23.28 16.90 -14.52
C LEU C 93 -23.94 17.41 -15.79
N PRO C 94 -23.28 17.30 -16.95
CA PRO C 94 -23.87 17.83 -18.19
C PRO C 94 -25.13 17.04 -18.57
N LEU C 95 -26.20 17.75 -18.85
CA LEU C 95 -27.42 17.11 -19.34
C LEU C 95 -27.30 16.76 -20.82
N THR C 96 -27.71 15.54 -21.19
CA THR C 96 -27.71 15.17 -22.60
C THR C 96 -28.68 16.02 -23.41
N LYS C 97 -28.28 16.33 -24.65
CA LYS C 97 -29.14 17.02 -25.59
C LYS C 97 -29.81 16.06 -26.59
N ASN C 98 -29.81 14.76 -26.30
CA ASN C 98 -30.11 13.71 -27.28
C ASN C 98 -31.50 13.84 -27.95
N THR C 99 -32.52 14.30 -27.23
CA THR C 99 -33.93 14.35 -27.70
C THR C 99 -34.56 12.99 -28.04
N GLY C 100 -33.76 11.93 -28.12
CA GLY C 100 -34.32 10.61 -28.36
C GLY C 100 -34.66 9.81 -27.12
N ILE C 101 -34.56 10.41 -25.95
CA ILE C 101 -34.71 9.67 -24.69
C ILE C 101 -36.16 9.77 -24.23
N SER C 102 -36.71 8.64 -23.78
CA SER C 102 -38.13 8.57 -23.42
C SER C 102 -38.46 9.50 -22.25
N LYS C 103 -39.69 9.98 -22.22
CA LYS C 103 -40.13 10.87 -21.15
C LYS C 103 -40.25 10.18 -19.80
N GLU C 104 -40.21 8.84 -19.76
CA GLU C 104 -40.13 8.14 -18.48
C GLU C 104 -38.90 8.58 -17.68
N PHE C 105 -37.85 9.03 -18.35
CA PHE C 105 -36.59 9.35 -17.67
C PHE C 105 -36.42 10.85 -17.56
N GLY C 106 -35.99 11.30 -16.38
CA GLY C 106 -35.93 12.72 -16.11
C GLY C 106 -34.51 13.23 -15.95
N THR C 107 -34.36 14.32 -15.18
CA THR C 107 -33.10 15.04 -15.18
C THR C 107 -31.93 14.18 -14.72
N ARG C 108 -32.15 13.30 -13.74
CA ARG C 108 -31.08 12.45 -13.25
C ARG C 108 -30.58 11.52 -14.36
N HIS C 109 -31.49 10.93 -15.11
CA HIS C 109 -31.05 10.06 -16.19
C HIS C 109 -30.33 10.88 -17.26
N ARG C 110 -30.84 12.08 -17.53
CA ARG C 110 -30.27 12.91 -18.57
C ARG C 110 -28.87 13.37 -18.20
N ALA C 111 -28.63 13.57 -16.90
CA ALA C 111 -27.30 13.86 -16.40
C ALA C 111 -26.38 12.66 -16.51
N ALA C 112 -26.89 11.47 -16.15
CA ALA C 112 -26.10 10.23 -16.32
C ALA C 112 -25.76 9.99 -17.79
N ILE C 113 -26.74 10.18 -18.69
CA ILE C 113 -26.46 9.99 -20.12
C ILE C 113 -25.45 11.03 -20.58
N GLY C 114 -25.61 12.28 -20.12
CA GLY C 114 -24.72 13.33 -20.57
C GLY C 114 -23.29 13.11 -20.11
N LEU C 115 -23.11 12.67 -18.86
CA LEU C 115 -21.76 12.38 -18.41
C LEU C 115 -21.15 11.24 -19.22
N SER C 116 -21.95 10.24 -19.57
CA SER C 116 -21.43 9.12 -20.33
C SER C 116 -21.03 9.47 -21.76
N GLU C 117 -21.51 10.60 -22.29
CA GLU C 117 -21.12 11.04 -23.62
C GLU C 117 -19.69 11.57 -23.65
N VAL C 118 -19.16 12.01 -22.52
CA VAL C 118 -17.90 12.74 -22.47
C VAL C 118 -16.84 12.06 -21.62
N SER C 119 -17.13 10.89 -21.05
CA SER C 119 -16.23 10.25 -20.11
C SER C 119 -16.51 8.76 -20.07
N ASP C 120 -15.63 8.03 -19.39
CA ASP C 120 -15.84 6.63 -19.09
C ASP C 120 -16.38 6.43 -17.68
N ALA C 121 -16.96 7.46 -17.08
CA ALA C 121 -17.57 7.27 -15.77
C ALA C 121 -18.63 6.17 -15.80
N LEU C 122 -18.82 5.52 -14.66
CA LEU C 122 -19.95 4.63 -14.44
C LEU C 122 -20.96 5.37 -13.56
N THR C 123 -22.16 5.60 -14.06
CA THR C 123 -23.15 6.38 -13.32
C THR C 123 -24.39 5.54 -13.11
N PHE C 124 -24.93 5.55 -11.89
CA PHE C 124 -26.19 4.86 -11.68
C PHE C 124 -27.21 5.81 -11.10
N VAL C 125 -28.46 5.51 -11.38
CA VAL C 125 -29.61 6.34 -11.02
C VAL C 125 -30.70 5.48 -10.43
N VAL C 126 -31.35 5.96 -9.36
CA VAL C 126 -32.63 5.44 -8.91
C VAL C 126 -33.68 6.49 -9.25
N SER C 127 -34.75 6.08 -9.93
CA SER C 127 -35.76 7.00 -10.39
C SER C 127 -36.67 7.39 -9.25
N GLU C 128 -36.85 8.69 -9.05
CA GLU C 128 -37.84 9.10 -8.04
C GLU C 128 -39.27 8.92 -8.51
N GLU C 129 -39.48 8.70 -9.80
CA GLU C 129 -40.81 8.48 -10.35
C GLU C 129 -41.25 7.03 -10.25
N THR C 130 -40.33 6.08 -10.48
CA THR C 130 -40.65 4.67 -10.60
C THR C 130 -39.88 3.78 -9.63
N GLY C 131 -38.83 4.28 -8.99
CA GLY C 131 -37.92 3.41 -8.28
C GLY C 131 -37.01 2.60 -9.16
N GLY C 132 -37.15 2.72 -10.49
CA GLY C 132 -36.35 1.93 -11.41
C GLY C 132 -34.87 2.24 -11.30
N ILE C 133 -34.06 1.24 -11.65
CA ILE C 133 -32.61 1.28 -11.48
C ILE C 133 -31.97 1.31 -12.85
N SER C 134 -30.99 2.20 -13.04
CA SER C 134 -30.36 2.31 -14.34
C SER C 134 -28.89 2.67 -14.18
N ILE C 135 -28.12 2.41 -15.23
CA ILE C 135 -26.71 2.75 -15.30
C ILE C 135 -26.39 3.30 -16.68
N THR C 136 -25.45 4.23 -16.73
CA THR C 136 -24.84 4.62 -18.00
C THR C 136 -23.36 4.34 -17.93
N TYR C 137 -22.79 3.88 -19.05
CA TYR C 137 -21.37 3.58 -19.14
C TYR C 137 -20.99 3.57 -20.60
N ASN C 138 -19.95 4.34 -20.96
CA ASN C 138 -19.57 4.55 -22.36
C ASN C 138 -20.77 4.92 -23.20
N GLY C 139 -21.01 4.19 -24.28
CA GLY C 139 -22.17 4.64 -25.01
C GLY C 139 -23.53 4.29 -24.44
N ARG C 140 -23.63 3.51 -23.37
CA ARG C 140 -24.81 2.69 -23.14
C ARG C 140 -25.64 3.21 -21.97
N PHE C 141 -26.95 3.12 -22.11
CA PHE C 141 -27.92 3.44 -21.06
C PHE C 141 -28.72 2.18 -20.82
N LYS C 142 -28.52 1.54 -19.67
CA LYS C 142 -29.20 0.30 -19.31
C LYS C 142 -30.19 0.63 -18.20
N HIS C 143 -31.49 0.50 -18.50
CA HIS C 143 -32.50 0.94 -17.55
C HIS C 143 -33.43 -0.21 -17.17
N ASN C 144 -34.30 0.06 -16.20
CA ASN C 144 -35.25 -0.94 -15.70
C ASN C 144 -34.54 -2.22 -15.25
N LEU C 145 -33.38 -2.05 -14.63
CA LEU C 145 -32.58 -3.19 -14.16
C LEU C 145 -33.18 -3.75 -12.87
N THR C 146 -33.14 -5.08 -12.73
CA THR C 146 -33.32 -5.61 -11.40
C THR C 146 -32.11 -5.30 -10.53
N LEU C 147 -32.30 -5.43 -9.22
CA LEU C 147 -31.18 -5.26 -8.30
C LEU C 147 -30.03 -6.21 -8.64
N ASP C 148 -30.35 -7.45 -9.01
CA ASP C 148 -29.29 -8.40 -9.36
C ASP C 148 -28.60 -8.02 -10.66
N GLU C 149 -29.36 -7.58 -11.66
CA GLU C 149 -28.73 -7.11 -12.89
C GLU C 149 -27.82 -5.91 -12.63
N PHE C 150 -28.27 -5.00 -11.76
CA PHE C 150 -27.46 -3.85 -11.36
C PHE C 150 -26.15 -4.29 -10.73
N GLU C 151 -26.21 -5.23 -9.79
CA GLU C 151 -25.00 -5.70 -9.12
C GLU C 151 -24.07 -6.36 -10.13
N THR C 152 -24.64 -7.13 -11.07
CA THR C 152 -23.81 -7.78 -12.09
C THR C 152 -23.09 -6.75 -12.95
N GLU C 153 -23.78 -5.68 -13.36
CA GLU C 153 -23.13 -4.63 -14.14
C GLU C 153 -22.00 -3.99 -13.35
N LEU C 154 -22.28 -3.61 -12.09
CA LEU C 154 -21.27 -3.00 -11.24
C LEU C 154 -20.02 -3.89 -11.15
N ARG C 155 -20.22 -5.20 -10.89
CA ARG C 155 -19.08 -6.09 -10.74
C ARG C 155 -18.33 -6.30 -12.05
N GLU C 156 -19.06 -6.31 -13.17
CA GLU C 156 -18.42 -6.48 -14.48
C GLU C 156 -17.55 -5.29 -14.83
N ILE C 157 -17.96 -4.08 -14.46
CA ILE C 157 -17.21 -2.89 -14.84
C ILE C 157 -16.12 -2.56 -13.81
N LEU C 158 -16.43 -2.73 -12.52
CA LEU C 158 -15.57 -2.24 -11.45
C LEU C 158 -14.60 -3.27 -10.89
N LEU C 159 -14.94 -4.55 -10.94
CA LEU C 159 -14.03 -5.51 -10.32
C LEU C 159 -12.84 -5.75 -11.23
N PRO C 160 -11.60 -5.67 -10.70
CA PRO C 160 -10.37 -5.98 -11.44
C PRO C 160 -10.15 -7.48 -11.58
N ILE D 11 35.43 -46.65 -10.49
CA ILE D 11 33.97 -46.63 -10.46
C ILE D 11 33.43 -45.37 -11.13
N SER D 12 32.62 -45.57 -12.16
CA SER D 12 32.23 -44.46 -13.02
C SER D 12 31.38 -43.43 -12.25
N ALA D 13 31.50 -42.17 -12.67
CA ALA D 13 30.77 -41.10 -11.99
C ALA D 13 29.26 -41.32 -12.04
N GLU D 14 28.77 -41.88 -13.16
CA GLU D 14 27.35 -42.18 -13.25
C GLU D 14 26.97 -43.27 -12.25
N GLU D 15 27.85 -44.25 -12.06
CA GLU D 15 27.61 -45.31 -11.08
C GLU D 15 27.59 -44.76 -9.67
N GLN D 16 28.57 -43.92 -9.31
CA GLN D 16 28.57 -43.33 -7.97
C GLN D 16 27.31 -42.53 -7.73
N MET D 17 26.83 -41.85 -8.77
CA MET D 17 25.65 -41.01 -8.58
C MET D 17 24.41 -41.88 -8.37
N ILE D 18 24.28 -42.95 -9.16
CA ILE D 18 23.14 -43.85 -9.03
C ILE D 18 23.14 -44.50 -7.63
N ARG D 19 24.30 -44.91 -7.14
CA ARG D 19 24.37 -45.47 -5.78
C ARG D 19 23.88 -44.47 -4.75
N ALA D 20 24.26 -43.19 -4.91
CA ALA D 20 23.87 -42.16 -3.96
C ALA D 20 22.37 -41.93 -4.02
N PHE D 21 21.79 -41.96 -5.21
CA PHE D 21 20.36 -41.78 -5.36
C PHE D 21 19.61 -42.90 -4.67
N VAL D 22 20.02 -44.14 -4.95
CA VAL D 22 19.30 -45.31 -4.43
C VAL D 22 19.39 -45.35 -2.92
N LYS D 23 20.58 -45.04 -2.37
CA LYS D 23 20.77 -45.09 -0.92
C LYS D 23 19.98 -43.97 -0.24
N SER D 24 19.94 -42.78 -0.85
CA SER D 24 19.19 -41.68 -0.25
C SER D 24 17.69 -41.96 -0.29
N VAL D 25 17.20 -42.54 -1.38
CA VAL D 25 15.78 -42.84 -1.49
C VAL D 25 15.39 -43.97 -0.54
N GLU D 26 16.27 -44.97 -0.40
CA GLU D 26 16.02 -46.04 0.57
C GLU D 26 15.80 -45.47 1.96
N TYR D 27 16.58 -44.45 2.34
CA TYR D 27 16.44 -43.79 3.62
C TYR D 27 15.16 -42.94 3.69
N MET D 28 14.91 -42.11 2.66
CA MET D 28 13.81 -41.15 2.74
C MET D 28 12.44 -41.79 2.57
N SER D 29 12.33 -42.86 1.76
CA SER D 29 11.02 -43.40 1.43
C SER D 29 10.27 -43.90 2.67
N PRO D 30 10.78 -44.84 3.46
CA PRO D 30 9.99 -45.32 4.63
C PRO D 30 9.76 -44.25 5.68
N ARG D 31 10.58 -43.19 5.70
CA ARG D 31 10.40 -42.06 6.61
C ARG D 31 9.46 -41.01 6.06
N LYS D 32 8.95 -41.21 4.85
CA LYS D 32 8.07 -40.26 4.14
C LYS D 32 8.66 -38.85 4.10
N ILE D 33 9.98 -38.77 3.89
CA ILE D 33 10.67 -37.51 3.68
C ILE D 33 10.53 -37.13 2.20
N GLY D 34 9.85 -36.02 1.93
CA GLY D 34 9.64 -35.59 0.55
C GLY D 34 10.96 -35.22 -0.12
N ALA D 35 11.11 -35.61 -1.37
CA ALA D 35 12.34 -35.26 -2.09
C ALA D 35 12.01 -35.03 -3.55
N LEU D 36 12.77 -34.13 -4.16
CA LEU D 36 12.56 -33.78 -5.58
C LEU D 36 13.94 -33.50 -6.16
N VAL D 37 14.39 -34.34 -7.08
CA VAL D 37 15.75 -34.24 -7.63
C VAL D 37 15.66 -34.28 -9.14
N ALA D 38 16.13 -33.23 -9.81
CA ALA D 38 16.10 -33.14 -11.26
C ALA D 38 17.53 -33.18 -11.78
N ILE D 39 17.81 -34.05 -12.74
CA ILE D 39 19.13 -34.17 -13.35
C ILE D 39 19.08 -33.57 -14.75
N GLN D 40 19.88 -32.53 -14.97
CA GLN D 40 19.94 -31.92 -16.30
C GLN D 40 20.55 -32.89 -17.30
N ARG D 41 19.94 -32.93 -18.50
CA ARG D 41 20.50 -33.73 -19.56
C ARG D 41 20.88 -32.81 -20.73
N VAL D 42 20.25 -32.94 -21.89
CA VAL D 42 20.65 -32.08 -23.01
C VAL D 42 20.06 -30.68 -22.87
N ARG D 43 18.80 -30.58 -22.45
CA ARG D 43 18.13 -29.28 -22.37
C ARG D 43 18.60 -28.54 -21.12
N THR D 44 19.03 -27.29 -21.30
CA THR D 44 19.51 -26.52 -20.15
C THR D 44 18.38 -26.32 -19.12
N LEU D 45 18.73 -26.49 -17.85
CA LEU D 45 17.85 -26.21 -16.73
C LEU D 45 18.20 -24.89 -16.04
N GLN D 46 18.92 -24.00 -16.73
CA GLN D 46 19.48 -22.82 -16.08
C GLN D 46 18.40 -21.91 -15.54
N GLU D 47 17.26 -21.84 -16.23
CA GLU D 47 16.17 -21.00 -15.78
C GLU D 47 15.74 -21.38 -14.37
N TYR D 48 15.74 -22.67 -14.08
CA TYR D 48 15.37 -23.13 -12.74
C TYR D 48 16.56 -23.13 -11.79
N ILE D 49 17.76 -23.42 -12.28
CA ILE D 49 18.93 -23.38 -11.42
C ILE D 49 19.08 -22.00 -10.80
N SER D 50 18.77 -20.96 -11.57
CA SER D 50 18.92 -19.59 -11.09
C SER D 50 18.04 -19.27 -9.89
N THR D 51 16.98 -20.06 -9.65
CA THR D 51 16.10 -19.78 -8.52
C THR D 51 16.54 -20.46 -7.24
N GLY D 52 17.58 -21.31 -7.30
CA GLY D 52 17.96 -22.12 -6.17
C GLY D 52 19.09 -21.52 -5.34
N ILE D 53 19.47 -22.27 -4.31
CA ILE D 53 20.59 -21.91 -3.44
C ILE D 53 21.83 -22.61 -3.98
N PRO D 54 22.86 -21.87 -4.39
CA PRO D 54 24.05 -22.52 -4.98
C PRO D 54 24.83 -23.37 -3.97
N LEU D 55 25.07 -24.63 -4.36
CA LEU D 55 25.94 -25.56 -3.64
C LEU D 55 27.16 -26.00 -4.43
N ASP D 56 27.01 -26.34 -5.72
CA ASP D 56 28.12 -26.88 -6.52
C ASP D 56 28.87 -27.97 -5.74
N ALA D 57 28.10 -28.87 -5.09
CA ALA D 57 28.63 -29.87 -4.16
C ALA D 57 28.73 -31.27 -4.77
N LYS D 58 29.72 -32.02 -4.30
CA LYS D 58 29.83 -33.43 -4.66
C LYS D 58 28.59 -34.18 -4.18
N ILE D 59 28.17 -35.18 -4.96
CA ILE D 59 26.95 -35.93 -4.67
C ILE D 59 27.26 -37.07 -3.72
N SER D 60 26.51 -37.17 -2.62
CA SER D 60 26.60 -38.33 -1.75
C SER D 60 25.22 -38.63 -1.21
N ALA D 61 25.01 -39.89 -0.83
CA ALA D 61 23.74 -40.22 -0.17
C ALA D 61 23.53 -39.35 1.06
N GLU D 62 24.60 -39.16 1.84
CA GLU D 62 24.50 -38.40 3.10
C GLU D 62 24.09 -36.95 2.85
N LEU D 63 24.69 -36.30 1.85
CA LEU D 63 24.28 -34.93 1.58
C LEU D 63 22.84 -34.85 1.07
N LEU D 64 22.43 -35.75 0.16
CA LEU D 64 21.05 -35.74 -0.30
C LEU D 64 20.08 -35.89 0.86
N ILE D 65 20.37 -36.81 1.78
CA ILE D 65 19.48 -36.97 2.94
C ILE D 65 19.43 -35.70 3.76
N ASN D 66 20.60 -35.13 4.09
CA ASN D 66 20.62 -33.92 4.91
C ASN D 66 19.88 -32.77 4.26
N ILE D 67 19.95 -32.67 2.93
CA ILE D 67 19.24 -31.58 2.25
C ILE D 67 17.74 -31.66 2.51
N PHE D 68 17.15 -32.84 2.43
CA PHE D 68 15.69 -32.94 2.41
C PHE D 68 15.06 -33.14 3.78
N ILE D 69 15.85 -33.16 4.86
CA ILE D 69 15.26 -33.31 6.19
C ILE D 69 14.16 -32.26 6.37
N PRO D 70 12.95 -32.64 6.81
CA PRO D 70 11.85 -31.67 6.88
C PRO D 70 12.18 -30.48 7.77
N ASN D 71 11.58 -29.33 7.43
CA ASN D 71 11.62 -28.12 8.25
C ASN D 71 13.05 -27.60 8.42
N THR D 72 13.87 -27.72 7.38
CA THR D 72 15.24 -27.23 7.34
C THR D 72 15.39 -26.19 6.22
N PRO D 73 16.46 -25.39 6.26
CA PRO D 73 16.60 -24.33 5.25
C PRO D 73 16.64 -24.82 3.81
N LEU D 74 17.22 -26.00 3.53
CA LEU D 74 17.41 -26.46 2.16
C LEU D 74 16.27 -27.32 1.63
N HIS D 75 15.32 -27.74 2.47
CA HIS D 75 14.49 -28.88 2.04
C HIS D 75 13.42 -28.52 1.01
N ASP D 76 12.94 -27.29 0.99
CA ASP D 76 11.78 -26.91 0.18
C ASP D 76 12.20 -26.59 -1.25
N GLY D 77 11.74 -27.38 -2.21
CA GLY D 77 12.00 -27.16 -3.61
C GLY D 77 12.91 -28.25 -4.17
N ALA D 78 13.39 -28.03 -5.39
CA ALA D 78 14.09 -29.08 -6.12
C ALA D 78 15.60 -28.96 -5.93
N VAL D 79 16.25 -30.08 -5.74
CA VAL D 79 17.68 -30.20 -6.03
C VAL D 79 17.85 -30.35 -7.54
N ILE D 80 18.84 -29.65 -8.12
CA ILE D 80 19.15 -29.80 -9.54
C ILE D 80 20.62 -30.22 -9.69
N ILE D 81 20.82 -31.30 -10.44
CA ILE D 81 22.12 -31.91 -10.68
C ILE D 81 22.58 -31.49 -12.06
N LYS D 82 23.80 -30.96 -12.15
CA LYS D 82 24.37 -30.52 -13.42
C LYS D 82 25.85 -30.86 -13.36
N GLU D 83 26.36 -31.49 -14.42
CA GLU D 83 27.77 -31.89 -14.52
C GLU D 83 28.22 -32.67 -13.27
N GLU D 84 27.44 -33.67 -12.89
CA GLU D 84 27.80 -34.60 -11.82
C GLU D 84 27.96 -33.92 -10.45
N ARG D 85 27.36 -32.74 -10.25
CA ARG D 85 27.34 -32.09 -8.94
C ARG D 85 25.93 -31.63 -8.61
N ILE D 86 25.69 -31.41 -7.31
CA ILE D 86 24.47 -30.72 -6.89
C ILE D 86 24.69 -29.24 -7.16
N ALA D 87 24.08 -28.73 -8.23
CA ALA D 87 24.22 -27.32 -8.56
C ALA D 87 23.57 -26.46 -7.51
N VAL D 88 22.28 -26.72 -7.23
CA VAL D 88 21.47 -25.94 -6.30
C VAL D 88 20.50 -26.87 -5.57
N THR D 89 20.03 -26.40 -4.43
CA THR D 89 18.83 -26.93 -3.80
C THR D 89 17.74 -25.88 -3.90
N SER D 90 16.54 -26.25 -3.45
CA SER D 90 15.49 -25.28 -3.16
C SER D 90 15.04 -24.54 -4.42
N ALA D 91 15.15 -25.18 -5.57
CA ALA D 91 14.80 -24.52 -6.83
C ALA D 91 13.33 -24.71 -7.19
N TYR D 92 12.80 -23.71 -7.89
CA TYR D 92 11.46 -23.79 -8.46
C TYR D 92 11.48 -24.58 -9.75
N LEU D 93 10.51 -25.46 -9.93
CA LEU D 93 10.25 -26.14 -11.19
C LEU D 93 8.82 -25.87 -11.61
N PRO D 94 8.51 -25.84 -12.91
CA PRO D 94 7.14 -25.49 -13.32
C PRO D 94 6.15 -26.60 -12.99
N LEU D 95 5.05 -26.22 -12.34
CA LEU D 95 3.98 -27.18 -12.07
C LEU D 95 3.18 -27.46 -13.32
N THR D 96 2.90 -28.74 -13.57
CA THR D 96 2.05 -29.11 -14.69
C THR D 96 0.64 -28.55 -14.51
N LYS D 97 -0.03 -28.38 -15.64
CA LYS D 97 -1.44 -28.01 -15.66
C LYS D 97 -2.35 -29.17 -16.04
N ASN D 98 -1.82 -30.38 -16.12
CA ASN D 98 -2.63 -31.55 -16.45
C ASN D 98 -3.66 -31.81 -15.37
N THR D 99 -4.88 -32.18 -15.80
CA THR D 99 -5.97 -32.43 -14.89
C THR D 99 -6.13 -33.89 -14.53
N GLY D 100 -5.49 -34.80 -15.27
CA GLY D 100 -5.62 -36.22 -15.03
C GLY D 100 -4.72 -36.79 -13.98
N ILE D 101 -4.05 -35.96 -13.18
CA ILE D 101 -3.14 -36.44 -12.15
C ILE D 101 -3.94 -36.73 -10.89
N SER D 102 -3.79 -37.95 -10.36
CA SER D 102 -4.58 -38.35 -9.20
C SER D 102 -4.20 -37.54 -7.97
N LYS D 103 -5.18 -37.37 -7.07
CA LYS D 103 -4.96 -36.64 -5.83
C LYS D 103 -3.95 -37.31 -4.92
N GLU D 104 -3.60 -38.57 -5.19
CA GLU D 104 -2.54 -39.23 -4.42
C GLU D 104 -1.23 -38.49 -4.56
N PHE D 105 -1.03 -37.82 -5.69
CA PHE D 105 0.24 -37.17 -5.99
C PHE D 105 0.13 -35.67 -5.71
N GLY D 106 1.24 -35.11 -5.27
CA GLY D 106 1.25 -33.73 -4.80
C GLY D 106 2.14 -32.81 -5.61
N THR D 107 2.53 -31.69 -4.98
CA THR D 107 3.23 -30.62 -5.69
C THR D 107 4.57 -31.10 -6.26
N ARG D 108 5.26 -31.99 -5.54
CA ARG D 108 6.55 -32.46 -6.04
C ARG D 108 6.36 -33.26 -7.33
N HIS D 109 5.33 -34.10 -7.37
CA HIS D 109 5.02 -34.83 -8.59
C HIS D 109 4.64 -33.90 -9.72
N ARG D 110 3.79 -32.91 -9.43
CA ARG D 110 3.35 -31.98 -10.45
C ARG D 110 4.52 -31.19 -11.00
N ALA D 111 5.51 -30.90 -10.15
CA ALA D 111 6.73 -30.24 -10.62
C ALA D 111 7.57 -31.17 -11.49
N ALA D 112 7.72 -32.43 -11.06
CA ALA D 112 8.45 -33.40 -11.87
C ALA D 112 7.79 -33.58 -13.23
N ILE D 113 6.46 -33.61 -13.25
CA ILE D 113 5.72 -33.74 -14.51
C ILE D 113 5.85 -32.48 -15.33
N GLY D 114 5.71 -31.32 -14.69
CA GLY D 114 5.83 -30.06 -15.41
C GLY D 114 7.21 -29.87 -16.03
N LEU D 115 8.26 -30.28 -15.31
CA LEU D 115 9.59 -30.16 -15.89
C LEU D 115 9.75 -31.08 -17.10
N SER D 116 9.17 -32.28 -17.02
CA SER D 116 9.37 -33.26 -18.08
C SER D 116 8.53 -32.94 -19.31
N GLU D 117 7.55 -32.04 -19.17
CA GLU D 117 6.79 -31.57 -20.31
C GLU D 117 7.64 -30.69 -21.22
N VAL D 118 8.63 -29.99 -20.66
CA VAL D 118 9.39 -28.98 -21.38
C VAL D 118 10.88 -29.28 -21.42
N SER D 119 11.30 -30.49 -21.06
CA SER D 119 12.72 -30.78 -21.02
C SER D 119 12.91 -32.28 -21.07
N ASP D 120 14.16 -32.68 -21.31
CA ASP D 120 14.56 -34.09 -21.23
C ASP D 120 15.22 -34.41 -19.90
N ALA D 121 14.98 -33.60 -18.86
CA ALA D 121 15.55 -33.88 -17.55
C ALA D 121 15.04 -35.22 -17.03
N LEU D 122 15.86 -35.86 -16.20
CA LEU D 122 15.42 -37.01 -15.40
C LEU D 122 15.16 -36.50 -14.00
N THR D 123 13.91 -36.62 -13.53
CA THR D 123 13.52 -36.15 -12.21
C THR D 123 12.94 -37.31 -11.40
N PHE D 124 13.37 -37.46 -10.15
CA PHE D 124 12.73 -38.45 -9.30
C PHE D 124 12.17 -37.78 -8.06
N VAL D 125 11.21 -38.45 -7.43
CA VAL D 125 10.42 -37.88 -6.34
C VAL D 125 10.22 -38.95 -5.29
N VAL D 126 10.39 -38.56 -4.03
CA VAL D 126 9.86 -39.34 -2.90
C VAL D 126 8.66 -38.58 -2.36
N SER D 127 7.53 -39.27 -2.22
CA SER D 127 6.31 -38.63 -1.77
C SER D 127 6.32 -38.46 -0.27
N GLU D 128 6.03 -37.25 0.21
CA GLU D 128 5.91 -37.03 1.64
C GLU D 128 4.58 -37.53 2.20
N GLU D 129 3.63 -37.85 1.32
CA GLU D 129 2.35 -38.40 1.73
C GLU D 129 2.42 -39.90 1.94
N THR D 130 3.08 -40.61 1.03
CA THR D 130 3.06 -42.06 1.00
C THR D 130 4.42 -42.71 1.12
N GLY D 131 5.50 -41.97 0.92
CA GLY D 131 6.79 -42.58 0.79
C GLY D 131 7.06 -43.13 -0.60
N GLY D 132 6.07 -43.06 -1.50
CA GLY D 132 6.23 -43.66 -2.82
C GLY D 132 7.33 -43.03 -3.64
N ILE D 133 7.89 -43.83 -4.54
CA ILE D 133 9.03 -43.43 -5.37
C ILE D 133 8.57 -43.31 -6.81
N SER D 134 8.98 -42.22 -7.48
CA SER D 134 8.55 -42.02 -8.86
C SER D 134 9.64 -41.34 -9.65
N ILE D 135 9.54 -41.47 -10.99
CA ILE D 135 10.47 -40.89 -11.95
C ILE D 135 9.64 -40.24 -13.07
N THR D 136 10.07 -39.06 -13.53
CA THR D 136 9.59 -38.53 -14.80
C THR D 136 10.76 -38.40 -15.76
N TYR D 137 10.55 -38.82 -17.00
CA TYR D 137 11.57 -38.70 -18.03
C TYR D 137 10.89 -38.80 -19.38
N ASN D 138 11.18 -37.83 -20.25
CA ASN D 138 10.69 -37.82 -21.62
C ASN D 138 9.19 -38.07 -21.69
N GLY D 139 8.45 -37.38 -20.82
CA GLY D 139 7.00 -37.46 -20.92
C GLY D 139 6.41 -38.78 -20.48
N ARG D 140 7.08 -39.47 -19.55
CA ARG D 140 6.52 -40.65 -18.90
C ARG D 140 6.69 -40.45 -17.41
N PHE D 141 5.60 -40.66 -16.67
CA PHE D 141 5.53 -40.57 -15.21
C PHE D 141 5.42 -42.01 -14.72
N LYS D 142 6.50 -42.54 -14.17
CA LYS D 142 6.52 -43.90 -13.63
C LYS D 142 6.47 -43.80 -12.11
N HIS D 143 5.38 -44.27 -11.53
CA HIS D 143 5.08 -43.99 -10.13
C HIS D 143 4.90 -45.28 -9.35
N ASN D 144 4.90 -45.14 -8.01
CA ASN D 144 4.74 -46.28 -7.10
C ASN D 144 5.77 -47.38 -7.37
N LEU D 145 7.01 -46.97 -7.66
CA LEU D 145 8.08 -47.91 -7.94
C LEU D 145 8.63 -48.54 -6.66
N THR D 146 8.95 -49.83 -6.72
CA THR D 146 9.84 -50.38 -5.71
C THR D 146 11.23 -49.79 -5.84
N LEU D 147 12.01 -49.92 -4.77
CA LEU D 147 13.39 -49.45 -4.80
C LEU D 147 14.15 -50.10 -5.96
N ASP D 148 13.92 -51.40 -6.19
CA ASP D 148 14.66 -52.06 -7.25
C ASP D 148 14.18 -51.59 -8.63
N GLU D 149 12.89 -51.30 -8.78
CA GLU D 149 12.42 -50.77 -10.06
C GLU D 149 12.97 -49.36 -10.30
N PHE D 150 13.04 -48.57 -9.23
CA PHE D 150 13.69 -47.27 -9.28
C PHE D 150 15.14 -47.38 -9.75
N GLU D 151 15.91 -48.27 -9.13
CA GLU D 151 17.30 -48.43 -9.56
C GLU D 151 17.40 -48.86 -11.01
N THR D 152 16.59 -49.83 -11.43
CA THR D 152 16.63 -50.32 -12.80
C THR D 152 16.35 -49.19 -13.79
N GLU D 153 15.37 -48.34 -13.48
CA GLU D 153 15.03 -47.22 -14.35
C GLU D 153 16.17 -46.20 -14.41
N LEU D 154 16.79 -45.91 -13.26
CA LEU D 154 17.94 -45.01 -13.25
C LEU D 154 19.07 -45.55 -14.11
N ARG D 155 19.38 -46.84 -13.95
CA ARG D 155 20.47 -47.43 -14.72
C ARG D 155 20.18 -47.44 -16.21
N GLU D 156 18.92 -47.63 -16.60
CA GLU D 156 18.57 -47.64 -18.02
C GLU D 156 18.71 -46.25 -18.63
N ILE D 157 18.36 -45.20 -17.87
CA ILE D 157 18.37 -43.85 -18.44
C ILE D 157 19.76 -43.24 -18.40
N LEU D 158 20.49 -43.43 -17.29
CA LEU D 158 21.76 -42.76 -17.10
C LEU D 158 22.97 -43.55 -17.60
N LEU D 159 22.81 -44.84 -17.90
CA LEU D 159 23.94 -45.61 -18.41
C LEU D 159 23.74 -45.99 -19.88
N PRO D 160 24.83 -46.15 -20.64
CA PRO D 160 24.69 -46.62 -22.02
C PRO D 160 24.67 -48.14 -22.14
N ILE E 11 -13.15 -5.76 -29.73
CA ILE E 11 -13.95 -4.72 -29.09
C ILE E 11 -13.40 -4.38 -27.70
N SER E 12 -12.58 -5.27 -27.14
CA SER E 12 -12.06 -5.07 -25.80
C SER E 12 -11.03 -3.93 -25.77
N ALA E 13 -10.81 -3.38 -24.57
CA ALA E 13 -9.97 -2.20 -24.43
C ALA E 13 -8.51 -2.52 -24.76
N GLU E 14 -7.98 -3.62 -24.20
CA GLU E 14 -6.60 -3.99 -24.49
C GLU E 14 -6.44 -4.33 -25.96
N GLU E 15 -7.46 -4.94 -26.56
CA GLU E 15 -7.41 -5.22 -27.99
C GLU E 15 -7.33 -3.94 -28.80
N GLN E 16 -8.22 -2.98 -28.50
CA GLN E 16 -8.19 -1.71 -29.20
C GLN E 16 -6.83 -1.04 -29.07
N MET E 17 -6.30 -1.02 -27.85
CA MET E 17 -4.99 -0.41 -27.59
C MET E 17 -3.88 -1.05 -28.41
N ILE E 18 -3.81 -2.37 -28.41
CA ILE E 18 -2.79 -3.07 -29.18
C ILE E 18 -2.90 -2.75 -30.67
N ARG E 19 -4.13 -2.74 -31.20
CA ARG E 19 -4.34 -2.41 -32.62
C ARG E 19 -3.84 -1.01 -32.93
N ALA E 20 -4.07 -0.07 -32.03
CA ALA E 20 -3.59 1.29 -32.24
C ALA E 20 -2.07 1.36 -32.19
N PHE E 21 -1.44 0.62 -31.27
CA PHE E 21 0.01 0.58 -31.21
C PHE E 21 0.56 0.06 -32.51
N VAL E 22 0.04 -1.06 -32.99
CA VAL E 22 0.55 -1.66 -34.23
C VAL E 22 0.36 -0.71 -35.41
N LYS E 23 -0.85 -0.18 -35.58
CA LYS E 23 -1.09 0.75 -36.69
C LYS E 23 -0.20 1.98 -36.59
N SER E 24 0.06 2.45 -35.36
CA SER E 24 0.87 3.66 -35.21
C SER E 24 2.31 3.40 -35.65
N VAL E 25 2.85 2.23 -35.30
CA VAL E 25 4.22 1.88 -35.69
C VAL E 25 4.30 1.57 -37.19
N GLU E 26 3.25 0.99 -37.76
CA GLU E 26 3.20 0.78 -39.20
C GLU E 26 3.45 2.08 -39.96
N TYR E 27 2.92 3.19 -39.44
CA TYR E 27 3.13 4.50 -40.03
C TYR E 27 4.52 5.04 -39.73
N MET E 28 4.96 4.84 -38.48
CA MET E 28 6.05 5.62 -37.95
C MET E 28 7.39 4.97 -38.33
N SER E 29 7.45 3.63 -38.35
CA SER E 29 8.70 2.92 -38.64
C SER E 29 9.27 3.19 -40.04
N PRO E 30 8.50 3.09 -41.14
CA PRO E 30 9.12 3.35 -42.46
C PRO E 30 9.53 4.79 -42.66
N ARG E 31 8.88 5.72 -41.96
CA ARG E 31 9.21 7.14 -42.01
C ARG E 31 10.32 7.52 -41.03
N LYS E 32 10.85 6.56 -40.28
CA LYS E 32 11.85 6.79 -39.22
C LYS E 32 11.46 7.94 -38.30
N ILE E 33 10.20 7.92 -37.84
CA ILE E 33 9.72 8.86 -36.84
C ILE E 33 10.02 8.25 -35.47
N GLY E 34 10.83 8.94 -34.67
CA GLY E 34 11.14 8.43 -33.35
C GLY E 34 9.90 8.42 -32.46
N ALA E 35 9.75 7.35 -31.68
CA ALA E 35 8.60 7.23 -30.78
C ALA E 35 9.06 6.57 -29.50
N LEU E 36 8.40 6.96 -28.40
CA LEU E 36 8.73 6.44 -27.07
C LEU E 36 7.42 6.38 -26.30
N VAL E 37 6.93 5.17 -26.05
CA VAL E 37 5.61 4.99 -25.44
C VAL E 37 5.75 4.01 -24.27
N ALA E 38 5.48 4.50 -23.06
CA ALA E 38 5.54 3.68 -21.86
C ALA E 38 4.12 3.41 -21.35
N ILE E 39 3.87 2.15 -21.00
CA ILE E 39 2.56 1.70 -20.53
C ILE E 39 2.70 1.26 -19.07
N GLN E 40 2.01 1.97 -18.18
CA GLN E 40 2.05 1.59 -16.77
C GLN E 40 1.41 0.22 -16.60
N ARG E 41 2.03 -0.62 -15.78
CA ARG E 41 1.45 -1.91 -15.44
C ARG E 41 1.08 -1.89 -13.96
N VAL E 42 1.77 -2.66 -13.11
CA VAL E 42 1.38 -2.71 -11.70
C VAL E 42 1.94 -1.51 -10.94
N ARG E 43 3.21 -1.17 -11.17
CA ARG E 43 3.88 -0.12 -10.39
C ARG E 43 3.50 1.26 -10.93
N THR E 44 3.14 2.16 -10.02
CA THR E 44 2.70 3.47 -10.44
C THR E 44 3.82 4.24 -11.13
N LEU E 45 3.49 4.87 -12.26
CA LEU E 45 4.38 5.78 -12.96
C LEU E 45 4.05 7.23 -12.70
N GLN E 46 3.31 7.53 -11.61
CA GLN E 46 2.78 8.88 -11.40
C GLN E 46 3.88 9.93 -11.37
N GLU E 47 5.01 9.61 -10.75
CA GLU E 47 6.07 10.62 -10.65
C GLU E 47 6.55 11.03 -12.03
N TYR E 48 6.60 10.08 -12.97
CA TYR E 48 7.05 10.40 -14.32
C TYR E 48 5.91 11.05 -15.12
N ILE E 49 4.67 10.59 -14.91
CA ILE E 49 3.52 11.22 -15.55
C ILE E 49 3.46 12.70 -15.20
N SER E 50 3.78 13.04 -13.95
CA SER E 50 3.68 14.44 -13.54
C SER E 50 4.65 15.38 -14.27
N THR E 51 5.66 14.85 -14.96
CA THR E 51 6.56 15.71 -15.74
C THR E 51 6.04 16.00 -17.14
N GLY E 52 4.95 15.37 -17.55
CA GLY E 52 4.48 15.46 -18.92
C GLY E 52 3.43 16.54 -19.15
N ILE E 53 2.99 16.62 -20.41
CA ILE E 53 1.93 17.53 -20.81
C ILE E 53 0.62 16.76 -20.71
N PRO E 54 -0.35 17.20 -19.90
CA PRO E 54 -1.57 16.40 -19.70
C PRO E 54 -2.42 16.35 -20.98
N LEU E 55 -2.76 15.13 -21.40
CA LEU E 55 -3.76 14.90 -22.45
C LEU E 55 -5.03 14.23 -21.92
N ASP E 56 -4.86 13.16 -21.12
CA ASP E 56 -5.96 12.33 -20.63
C ASP E 56 -6.91 11.94 -21.76
N ALA E 57 -6.34 11.37 -22.81
CA ALA E 57 -7.03 11.19 -24.09
C ALA E 57 -7.26 9.71 -24.39
N LYS E 58 -8.34 9.44 -25.11
CA LYS E 58 -8.50 8.13 -25.72
C LYS E 58 -7.33 7.82 -26.64
N ILE E 59 -6.94 6.55 -26.67
CA ILE E 59 -5.86 6.11 -27.55
C ILE E 59 -6.40 5.88 -28.95
N SER E 60 -5.71 6.41 -29.96
CA SER E 60 -5.96 6.03 -31.34
C SER E 60 -4.62 6.01 -32.04
N ALA E 61 -4.53 5.19 -33.09
CA ALA E 61 -3.33 5.21 -33.93
C ALA E 61 -3.06 6.61 -34.42
N GLU E 62 -4.13 7.30 -34.85
CA GLU E 62 -3.98 8.63 -35.42
C GLU E 62 -3.40 9.61 -34.41
N LEU E 63 -3.90 9.57 -33.16
CA LEU E 63 -3.37 10.51 -32.18
C LEU E 63 -1.91 10.19 -31.83
N LEU E 64 -1.57 8.90 -31.68
CA LEU E 64 -0.18 8.55 -31.43
C LEU E 64 0.72 9.06 -32.55
N ILE E 65 0.32 8.86 -33.79
CA ILE E 65 1.12 9.36 -34.90
C ILE E 65 1.28 10.88 -34.79
N ASN E 66 0.17 11.60 -34.61
CA ASN E 66 0.26 13.07 -34.60
C ASN E 66 1.16 13.57 -33.47
N ILE E 67 1.17 12.86 -32.33
CA ILE E 67 2.04 13.25 -31.21
C ILE E 67 3.52 13.25 -31.60
N PHE E 68 3.96 12.25 -32.34
CA PHE E 68 5.40 12.05 -32.57
C PHE E 68 5.91 12.68 -33.85
N ILE E 69 5.07 13.42 -34.57
CA ILE E 69 5.55 14.06 -35.82
C ILE E 69 6.73 14.96 -35.48
N PRO E 70 7.82 14.91 -36.22
CA PRO E 70 9.03 15.62 -35.78
C PRO E 70 8.81 17.12 -35.71
N ASN E 71 9.52 17.76 -34.79
CA ASN E 71 9.60 19.22 -34.67
C ASN E 71 8.22 19.84 -34.38
N THR E 72 7.43 19.15 -33.57
CA THR E 72 6.12 19.59 -33.09
C THR E 72 6.13 19.74 -31.56
N PRO E 73 5.18 20.49 -31.01
CA PRO E 73 5.24 20.76 -29.55
C PRO E 73 5.18 19.51 -28.68
N LEU E 74 4.54 18.42 -29.12
CA LEU E 74 4.35 17.24 -28.27
C LEU E 74 5.37 16.14 -28.50
N HIS E 75 6.22 16.23 -29.53
CA HIS E 75 6.94 15.03 -29.94
C HIS E 75 8.11 14.65 -29.01
N ASP E 76 8.66 15.57 -28.24
CA ASP E 76 9.90 15.31 -27.51
C ASP E 76 9.56 14.73 -26.14
N GLY E 77 10.13 13.58 -25.83
CA GLY E 77 9.88 12.92 -24.56
C GLY E 77 8.92 11.74 -24.73
N ALA E 78 8.49 11.19 -23.59
CA ALA E 78 7.73 9.94 -23.57
C ALA E 78 6.24 10.21 -23.50
N VAL E 79 5.49 9.43 -24.27
CA VAL E 79 4.06 9.23 -24.01
C VAL E 79 3.93 8.20 -22.89
N ILE E 80 3.06 8.46 -21.91
CA ILE E 80 2.80 7.49 -20.84
C ILE E 80 1.31 7.17 -20.86
N ILE E 81 1.02 5.88 -21.02
CA ILE E 81 -0.33 5.33 -21.07
C ILE E 81 -0.64 4.77 -19.70
N LYS E 82 -1.82 5.08 -19.19
CA LYS E 82 -2.25 4.52 -17.91
C LYS E 82 -3.68 4.08 -18.09
N GLU E 83 -3.97 2.81 -17.78
CA GLU E 83 -5.31 2.24 -17.88
C GLU E 83 -5.97 2.61 -19.22
N GLU E 84 -5.21 2.43 -20.30
CA GLU E 84 -5.71 2.52 -21.66
C GLU E 84 -6.09 3.95 -22.05
N ARG E 85 -5.58 4.97 -21.36
CA ARG E 85 -5.66 6.34 -21.83
C ARG E 85 -4.26 6.89 -21.99
N ILE E 86 -4.08 7.85 -22.89
CA ILE E 86 -2.83 8.60 -22.96
C ILE E 86 -2.85 9.65 -21.86
N ALA E 87 -2.07 9.42 -20.80
CA ALA E 87 -2.09 10.36 -19.70
C ALA E 87 -1.41 11.66 -20.09
N VAL E 88 -0.18 11.55 -20.63
CA VAL E 88 0.66 12.70 -20.92
C VAL E 88 1.51 12.37 -22.13
N THR E 89 2.04 13.41 -22.75
CA THR E 89 3.15 13.31 -23.68
C THR E 89 4.33 13.98 -23.04
N SER E 90 5.48 13.92 -23.73
CA SER E 90 6.61 14.76 -23.40
C SER E 90 7.15 14.52 -22.00
N ALA E 91 7.03 13.30 -21.48
CA ALA E 91 7.41 13.03 -20.11
C ALA E 91 8.88 12.61 -20.01
N TYR E 92 9.47 12.91 -18.85
CA TYR E 92 10.77 12.40 -18.48
C TYR E 92 10.66 10.92 -18.10
N LEU E 93 11.62 10.13 -18.60
CA LEU E 93 11.82 8.77 -18.11
C LEU E 93 13.28 8.64 -17.69
N PRO E 94 13.58 7.83 -16.67
CA PRO E 94 14.97 7.65 -16.24
C PRO E 94 15.82 7.04 -17.36
N LEU E 95 17.02 7.59 -17.55
CA LEU E 95 17.95 7.04 -18.53
C LEU E 95 18.79 5.94 -17.87
N THR E 96 18.94 4.81 -18.55
CA THR E 96 19.85 3.79 -18.05
C THR E 96 21.27 4.33 -18.04
N LYS E 97 22.05 3.85 -17.07
CA LYS E 97 23.47 4.16 -17.01
C LYS E 97 24.32 2.98 -17.45
N ASN E 98 23.72 1.99 -18.11
CA ASN E 98 24.43 0.78 -18.49
C ASN E 98 25.45 1.09 -19.59
N THR E 99 26.70 0.69 -19.38
CA THR E 99 27.74 0.98 -20.38
C THR E 99 27.71 0.00 -21.56
N GLY E 100 27.04 -1.15 -21.42
CA GLY E 100 27.03 -2.15 -22.47
C GLY E 100 25.80 -2.14 -23.36
N ILE E 101 25.33 -0.96 -23.75
CA ILE E 101 24.25 -0.80 -24.71
C ILE E 101 24.85 -0.29 -26.02
N SER E 102 24.55 -0.99 -27.12
CA SER E 102 25.14 -0.68 -28.41
C SER E 102 24.93 0.79 -28.78
N LYS E 103 25.96 1.38 -29.41
CA LYS E 103 25.91 2.80 -29.74
C LYS E 103 24.87 3.12 -30.81
N GLU E 104 24.32 2.12 -31.50
CA GLU E 104 23.24 2.34 -32.45
C GLU E 104 21.95 2.84 -31.78
N PHE E 105 21.82 2.68 -30.46
CA PHE E 105 20.59 3.03 -29.74
C PHE E 105 20.74 4.37 -29.03
N GLY E 106 19.80 5.27 -29.27
CA GLY E 106 19.89 6.63 -28.80
C GLY E 106 19.14 6.87 -27.51
N THR E 107 18.69 8.12 -27.32
CA THR E 107 18.16 8.53 -26.03
C THR E 107 16.85 7.83 -25.71
N ARG E 108 15.98 7.68 -26.71
CA ARG E 108 14.70 7.00 -26.48
C ARG E 108 14.92 5.57 -26.00
N HIS E 109 15.88 4.86 -26.61
CA HIS E 109 16.18 3.50 -26.16
C HIS E 109 16.70 3.49 -24.73
N ARG E 110 17.61 4.41 -24.40
CA ARG E 110 18.14 4.47 -23.02
C ARG E 110 17.05 4.85 -22.01
N ALA E 111 16.05 5.63 -22.44
CA ALA E 111 14.93 5.93 -21.55
C ALA E 111 14.05 4.71 -21.34
N ALA E 112 13.77 3.96 -22.41
CA ALA E 112 12.99 2.73 -22.28
C ALA E 112 13.70 1.72 -21.40
N ILE E 113 15.01 1.56 -21.57
CA ILE E 113 15.75 0.63 -20.74
C ILE E 113 15.78 1.11 -19.31
N GLY E 114 16.03 2.42 -19.10
CA GLY E 114 16.08 2.95 -17.76
C GLY E 114 14.77 2.81 -17.02
N LEU E 115 13.64 3.06 -17.70
CA LEU E 115 12.34 2.85 -17.05
C LEU E 115 12.13 1.37 -16.70
N SER E 116 12.55 0.45 -17.59
CA SER E 116 12.37 -0.97 -17.30
C SER E 116 13.24 -1.44 -16.13
N GLU E 117 14.24 -0.65 -15.72
CA GLU E 117 15.07 -1.03 -14.59
C GLU E 117 14.44 -0.70 -13.25
N VAL E 118 13.48 0.23 -13.21
CA VAL E 118 12.94 0.76 -11.96
C VAL E 118 11.42 0.62 -11.90
N SER E 119 10.86 -0.24 -12.74
CA SER E 119 9.40 -0.39 -12.83
C SER E 119 9.10 -1.64 -13.63
N ASP E 120 7.84 -2.08 -13.58
CA ASP E 120 7.37 -3.17 -14.45
C ASP E 120 6.65 -2.64 -15.67
N ALA E 121 6.94 -1.41 -16.09
CA ALA E 121 6.29 -0.84 -17.26
C ALA E 121 6.69 -1.60 -18.52
N LEU E 122 5.78 -1.58 -19.49
CA LEU E 122 6.07 -2.02 -20.86
C LEU E 122 6.29 -0.77 -21.70
N THR E 123 7.45 -0.66 -22.35
CA THR E 123 7.79 0.51 -23.13
C THR E 123 8.22 0.07 -24.53
N PHE E 124 7.75 0.77 -25.56
CA PHE E 124 8.23 0.49 -26.91
C PHE E 124 8.80 1.77 -27.53
N VAL E 125 9.71 1.57 -28.50
CA VAL E 125 10.47 2.65 -29.13
C VAL E 125 10.49 2.41 -30.63
N VAL E 126 10.25 3.45 -31.40
CA VAL E 126 10.63 3.45 -32.82
C VAL E 126 11.85 4.34 -32.96
N SER E 127 12.89 3.80 -33.58
CA SER E 127 14.14 4.53 -33.74
C SER E 127 14.03 5.62 -34.80
N GLU E 128 14.40 6.84 -34.41
CA GLU E 128 14.56 7.94 -35.35
C GLU E 128 15.65 7.69 -36.38
N GLU E 129 16.61 6.82 -36.08
CA GLU E 129 17.78 6.63 -36.93
C GLU E 129 17.57 5.53 -37.96
N THR E 130 16.90 4.44 -37.55
CA THR E 130 16.70 3.28 -38.40
C THR E 130 15.24 2.96 -38.67
N GLY E 131 14.31 3.46 -37.86
CA GLY E 131 12.95 2.96 -37.87
C GLY E 131 12.76 1.62 -37.19
N GLY E 132 13.83 1.07 -36.60
CA GLY E 132 13.71 -0.20 -35.92
C GLY E 132 12.80 -0.13 -34.72
N ILE E 133 12.23 -1.27 -34.37
CA ILE E 133 11.21 -1.36 -33.32
C ILE E 133 11.79 -2.12 -32.13
N SER E 134 11.59 -1.59 -30.93
CA SER E 134 12.11 -2.28 -29.76
C SER E 134 11.13 -2.15 -28.60
N ILE E 135 11.23 -3.10 -27.66
CA ILE E 135 10.41 -3.15 -26.44
C ILE E 135 11.33 -3.39 -25.25
N THR E 136 11.02 -2.74 -24.11
CA THR E 136 11.66 -3.07 -22.84
C THR E 136 10.59 -3.51 -21.85
N TYR E 137 10.91 -4.53 -21.06
CA TYR E 137 9.97 -5.07 -20.09
C TYR E 137 10.79 -5.82 -19.07
N ASN E 138 10.65 -5.48 -17.78
CA ASN E 138 11.41 -6.13 -16.71
C ASN E 138 12.90 -5.93 -17.01
N GLY E 139 13.73 -6.95 -16.88
CA GLY E 139 15.09 -6.66 -17.26
C GLY E 139 15.39 -6.72 -18.74
N ARG E 140 14.40 -6.92 -19.60
CA ARG E 140 14.61 -7.40 -20.96
C ARG E 140 14.52 -6.28 -21.99
N PHE E 141 15.42 -6.30 -22.96
CA PHE E 141 15.44 -5.33 -24.05
C PHE E 141 15.45 -6.10 -25.37
N LYS E 142 14.34 -6.04 -26.12
CA LYS E 142 14.20 -6.76 -27.37
C LYS E 142 14.18 -5.74 -28.50
N HIS E 143 15.18 -5.77 -29.35
CA HIS E 143 15.36 -4.76 -30.38
C HIS E 143 15.30 -5.37 -31.78
N ASN E 144 15.18 -4.48 -32.77
CA ASN E 144 15.11 -4.87 -34.18
C ASN E 144 13.97 -5.84 -34.42
N LEU E 145 12.85 -5.63 -33.73
CA LEU E 145 11.69 -6.49 -33.93
C LEU E 145 11.05 -6.20 -35.29
N THR E 146 10.59 -7.24 -35.95
CA THR E 146 9.69 -6.96 -37.05
C THR E 146 8.36 -6.46 -36.51
N LEU E 147 7.59 -5.82 -37.40
CA LEU E 147 6.29 -5.30 -37.00
C LEU E 147 5.37 -6.43 -36.52
N ASP E 148 5.44 -7.59 -37.18
CA ASP E 148 4.59 -8.69 -36.72
C ASP E 148 5.09 -9.27 -35.40
N GLU E 149 6.42 -9.29 -35.20
CA GLU E 149 6.98 -9.70 -33.90
C GLU E 149 6.60 -8.72 -32.81
N PHE E 150 6.61 -7.43 -33.12
CA PHE E 150 6.18 -6.39 -32.18
C PHE E 150 4.76 -6.67 -31.70
N GLU E 151 3.85 -6.99 -32.64
CA GLU E 151 2.48 -7.26 -32.26
C GLU E 151 2.36 -8.51 -31.40
N THR E 152 3.08 -9.58 -31.74
CA THR E 152 3.04 -10.78 -30.91
C THR E 152 3.55 -10.50 -29.49
N GLU E 153 4.60 -9.70 -29.35
CA GLU E 153 5.10 -9.41 -28.01
C GLU E 153 4.08 -8.63 -27.21
N LEU E 154 3.46 -7.63 -27.83
CA LEU E 154 2.42 -6.86 -27.17
C LEU E 154 1.28 -7.75 -26.69
N ARG E 155 0.81 -8.65 -27.57
CA ARG E 155 -0.33 -9.50 -27.20
C ARG E 155 0.08 -10.48 -26.11
N GLU E 156 1.30 -11.00 -26.17
CA GLU E 156 1.77 -11.93 -25.16
C GLU E 156 1.84 -11.26 -23.78
N ILE E 157 2.18 -9.98 -23.75
CA ILE E 157 2.40 -9.28 -22.48
C ILE E 157 1.10 -8.67 -21.94
N LEU E 158 0.31 -8.05 -22.82
CA LEU E 158 -0.84 -7.25 -22.41
C LEU E 158 -2.15 -8.03 -22.37
N LEU E 159 -2.40 -8.87 -23.38
CA LEU E 159 -3.70 -9.52 -23.52
C LEU E 159 -3.83 -10.64 -22.48
N PRO E 160 -5.01 -10.80 -21.85
CA PRO E 160 -5.29 -11.86 -20.87
C PRO E 160 -5.10 -13.26 -21.45
N ILE F 11 -9.66 30.84 5.17
CA ILE F 11 -10.40 30.67 6.42
C ILE F 11 -9.97 29.40 7.13
N SER F 12 -9.58 29.55 8.39
CA SER F 12 -9.06 28.42 9.16
C SER F 12 -10.06 27.29 9.26
N ALA F 13 -9.55 26.07 9.42
CA ALA F 13 -10.43 24.90 9.49
C ALA F 13 -11.29 24.91 10.75
N GLU F 14 -10.80 25.52 11.83
CA GLU F 14 -11.61 25.61 13.04
C GLU F 14 -12.70 26.66 12.90
N GLU F 15 -12.38 27.79 12.27
CA GLU F 15 -13.36 28.84 12.03
C GLU F 15 -14.50 28.31 11.16
N GLN F 16 -14.14 27.64 10.05
CA GLN F 16 -15.16 27.04 9.20
C GLN F 16 -15.98 26.03 9.97
N MET F 17 -15.36 25.31 10.90
CA MET F 17 -16.12 24.29 11.61
C MET F 17 -17.11 24.93 12.58
N ILE F 18 -16.71 25.99 13.28
CA ILE F 18 -17.65 26.71 14.14
C ILE F 18 -18.81 27.27 13.32
N ARG F 19 -18.50 27.86 12.15
CA ARG F 19 -19.55 28.40 11.29
C ARG F 19 -20.53 27.31 10.88
N ALA F 20 -20.01 26.12 10.58
CA ALA F 20 -20.86 24.99 10.20
C ALA F 20 -21.75 24.55 11.37
N PHE F 21 -21.18 24.51 12.58
CA PHE F 21 -21.97 24.15 13.76
C PHE F 21 -23.14 25.11 13.92
N VAL F 22 -22.86 26.41 13.83
CA VAL F 22 -23.88 27.42 14.08
C VAL F 22 -24.97 27.35 13.02
N LYS F 23 -24.57 27.19 11.75
CA LYS F 23 -25.56 27.14 10.68
C LYS F 23 -26.42 25.88 10.78
N SER F 24 -25.80 24.76 11.17
CA SER F 24 -26.55 23.51 11.29
C SER F 24 -27.54 23.59 12.44
N VAL F 25 -27.17 24.26 13.54
CA VAL F 25 -28.09 24.36 14.67
C VAL F 25 -29.18 25.39 14.38
N GLU F 26 -28.84 26.47 13.66
CA GLU F 26 -29.86 27.41 13.19
C GLU F 26 -30.94 26.67 12.40
N TYR F 27 -30.55 25.65 11.63
CA TYR F 27 -31.51 24.87 10.85
C TYR F 27 -32.30 23.91 11.74
N MET F 28 -31.60 23.18 12.61
CA MET F 28 -32.22 22.10 13.37
C MET F 28 -33.08 22.59 14.52
N SER F 29 -32.66 23.66 15.22
CA SER F 29 -33.42 24.09 16.40
C SER F 29 -34.88 24.47 16.13
N PRO F 30 -35.21 25.38 15.20
CA PRO F 30 -36.63 25.73 14.99
C PRO F 30 -37.45 24.57 14.44
N ARG F 31 -36.81 23.60 13.81
CA ARG F 31 -37.45 22.40 13.32
C ARG F 31 -37.56 21.32 14.39
N LYS F 32 -36.91 21.52 15.55
CA LYS F 32 -36.90 20.54 16.65
C LYS F 32 -36.33 19.19 16.17
N ILE F 33 -35.27 19.26 15.38
CA ILE F 33 -34.55 18.07 14.93
C ILE F 33 -33.49 17.78 15.99
N GLY F 34 -33.53 16.58 16.57
CA GLY F 34 -32.57 16.26 17.63
C GLY F 34 -31.17 16.09 17.06
N ALA F 35 -30.19 16.60 17.79
CA ALA F 35 -28.80 16.48 17.32
C ALA F 35 -27.90 16.31 18.53
N LEU F 36 -26.81 15.58 18.32
CA LEU F 36 -25.82 15.31 19.37
C LEU F 36 -24.45 15.29 18.71
N VAL F 37 -23.61 16.27 19.03
CA VAL F 37 -22.30 16.39 18.39
C VAL F 37 -21.23 16.54 19.46
N ALA F 38 -20.33 15.56 19.54
CA ALA F 38 -19.20 15.59 20.45
C ALA F 38 -17.93 15.94 19.69
N ILE F 39 -17.14 16.86 20.26
CA ILE F 39 -15.89 17.31 19.67
C ILE F 39 -14.74 16.89 20.57
N GLN F 40 -13.87 16.03 20.03
CA GLN F 40 -12.68 15.63 20.75
C GLN F 40 -11.78 16.84 21.01
N ARG F 41 -11.28 16.92 22.23
CA ARG F 41 -10.30 17.94 22.59
C ARG F 41 -8.98 17.21 22.87
N VAL F 42 -8.51 17.21 24.11
CA VAL F 42 -7.23 16.61 24.44
C VAL F 42 -7.36 15.11 24.68
N ARG F 43 -8.37 14.68 25.44
CA ARG F 43 -8.50 13.26 25.71
C ARG F 43 -9.17 12.56 24.53
N THR F 44 -8.62 11.39 24.17
CA THR F 44 -9.08 10.69 22.97
C THR F 44 -10.48 10.13 23.16
N LEU F 45 -11.31 10.26 22.12
CA LEU F 45 -12.65 9.68 22.11
C LEU F 45 -12.70 8.39 21.27
N GLN F 46 -11.54 7.79 21.00
CA GLN F 46 -11.49 6.72 20.00
C GLN F 46 -12.36 5.54 20.39
N GLU F 47 -12.51 5.28 21.70
CA GLU F 47 -13.35 4.17 22.12
C GLU F 47 -14.80 4.36 21.66
N TYR F 48 -15.32 5.59 21.77
CA TYR F 48 -16.66 5.85 21.31
C TYR F 48 -16.72 5.96 19.79
N ILE F 49 -15.67 6.49 19.16
CA ILE F 49 -15.59 6.50 17.70
C ILE F 49 -15.79 5.09 17.16
N SER F 50 -15.19 4.10 17.82
CA SER F 50 -15.31 2.70 17.43
C SER F 50 -16.74 2.18 17.43
N THR F 51 -17.67 2.86 18.11
CA THR F 51 -19.04 2.36 18.12
C THR F 51 -19.89 2.94 17.01
N GLY F 52 -19.40 3.96 16.29
CA GLY F 52 -20.19 4.66 15.31
C GLY F 52 -19.97 4.12 13.89
N ILE F 53 -20.65 4.75 12.94
CA ILE F 53 -20.53 4.42 11.52
C ILE F 53 -19.44 5.31 10.93
N PRO F 54 -18.38 4.75 10.34
CA PRO F 54 -17.27 5.59 9.86
C PRO F 54 -17.69 6.49 8.69
N LEU F 55 -17.40 7.79 8.83
CA LEU F 55 -17.53 8.75 7.74
C LEU F 55 -16.19 9.33 7.33
N ASP F 56 -15.39 9.79 8.30
CA ASP F 56 -14.12 10.47 8.03
C ASP F 56 -14.31 11.56 6.97
N ALA F 57 -15.25 12.47 7.24
CA ALA F 57 -15.76 13.40 6.25
C ALA F 57 -15.42 14.84 6.60
N LYS F 58 -15.21 15.67 5.57
CA LYS F 58 -15.11 17.11 5.80
C LYS F 58 -16.38 17.61 6.45
N ILE F 59 -16.24 18.59 7.34
CA ILE F 59 -17.40 19.15 8.02
C ILE F 59 -18.05 20.19 7.11
N SER F 60 -19.39 20.15 7.03
CA SER F 60 -20.14 21.24 6.44
C SER F 60 -21.47 21.32 7.16
N ALA F 61 -22.09 22.51 7.14
CA ALA F 61 -23.44 22.63 7.69
C ALA F 61 -24.39 21.65 7.00
N GLU F 62 -24.24 21.51 5.68
CA GLU F 62 -25.13 20.68 4.89
C GLU F 62 -25.04 19.22 5.29
N LEU F 63 -23.82 18.71 5.47
CA LEU F 63 -23.69 17.32 5.87
C LEU F 63 -24.21 17.10 7.28
N LEU F 64 -23.92 18.03 8.20
CA LEU F 64 -24.44 17.88 9.56
C LEU F 64 -25.96 17.81 9.56
N ILE F 65 -26.59 18.71 8.81
CA ILE F 65 -28.04 18.71 8.71
C ILE F 65 -28.53 17.40 8.11
N ASN F 66 -27.90 16.94 7.01
CA ASN F 66 -28.36 15.69 6.41
C ASN F 66 -28.24 14.52 7.37
N ILE F 67 -27.20 14.52 8.22
CA ILE F 67 -26.99 13.40 9.13
C ILE F 67 -28.17 13.25 10.08
N PHE F 68 -28.67 14.37 10.63
CA PHE F 68 -29.66 14.32 11.72
C PHE F 68 -31.11 14.34 11.24
N ILE F 69 -31.37 14.31 9.93
CA ILE F 69 -32.75 14.28 9.46
C ILE F 69 -33.47 13.11 10.12
N PRO F 70 -34.66 13.31 10.70
CA PRO F 70 -35.31 12.20 11.41
C PRO F 70 -35.58 11.00 10.52
N ASN F 71 -35.53 9.81 11.15
CA ASN F 71 -35.92 8.54 10.54
C ASN F 71 -34.99 8.13 9.40
N THR F 72 -33.74 8.54 9.48
CA THR F 72 -32.72 8.17 8.49
C THR F 72 -31.66 7.26 9.10
N PRO F 73 -30.90 6.54 8.27
CA PRO F 73 -29.92 5.59 8.81
C PRO F 73 -28.90 6.22 9.75
N LEU F 74 -28.54 7.50 9.59
CA LEU F 74 -27.45 8.07 10.39
C LEU F 74 -27.90 8.86 11.61
N HIS F 75 -29.19 9.09 11.79
CA HIS F 75 -29.55 10.21 12.68
C HIS F 75 -29.47 9.84 14.17
N ASP F 76 -29.59 8.58 14.53
CA ASP F 76 -29.56 8.23 15.96
C ASP F 76 -28.14 8.20 16.47
N GLY F 77 -27.96 8.62 17.71
CA GLY F 77 -26.64 8.57 18.31
C GLY F 77 -25.82 9.82 18.01
N ALA F 78 -24.54 9.75 18.36
CA ALA F 78 -23.69 10.93 18.38
C ALA F 78 -22.82 11.01 17.14
N VAL F 79 -22.74 12.21 16.58
CA VAL F 79 -21.61 12.56 15.71
C VAL F 79 -20.39 12.85 16.58
N ILE F 80 -19.22 12.32 16.20
CA ILE F 80 -17.98 12.64 16.90
C ILE F 80 -17.03 13.30 15.91
N ILE F 81 -16.56 14.49 16.28
CA ILE F 81 -15.63 15.30 15.50
C ILE F 81 -14.22 15.05 16.03
N LYS F 82 -13.29 14.78 15.12
CA LYS F 82 -11.88 14.60 15.45
C LYS F 82 -11.06 15.32 14.40
N GLU F 83 -10.18 16.22 14.84
CA GLU F 83 -9.29 16.96 13.95
C GLU F 83 -10.06 17.52 12.74
N GLU F 84 -11.11 18.29 13.05
CA GLU F 84 -11.93 18.97 12.04
C GLU F 84 -12.43 18.04 10.94
N ARG F 85 -12.70 16.78 11.30
CA ARG F 85 -13.42 15.85 10.44
C ARG F 85 -14.55 15.24 11.25
N ILE F 86 -15.63 14.88 10.57
CA ILE F 86 -16.67 14.03 11.17
C ILE F 86 -16.14 12.60 11.11
N ALA F 87 -15.66 12.09 12.25
CA ALA F 87 -15.12 10.73 12.28
C ALA F 87 -16.23 9.70 12.06
N VAL F 88 -17.32 9.80 12.83
CA VAL F 88 -18.41 8.83 12.76
C VAL F 88 -19.72 9.56 13.04
N THR F 89 -20.81 8.91 12.64
CA THR F 89 -22.13 9.20 13.18
C THR F 89 -22.55 8.05 14.09
N SER F 90 -23.68 8.24 14.74
CA SER F 90 -24.38 7.13 15.38
C SER F 90 -23.58 6.48 16.49
N ALA F 91 -22.70 7.23 17.13
CA ALA F 91 -21.88 6.64 18.17
C ALA F 91 -22.64 6.62 19.49
N TYR F 92 -22.25 5.69 20.35
CA TYR F 92 -22.80 5.56 21.69
C TYR F 92 -21.85 6.24 22.67
N LEU F 93 -22.32 7.30 23.31
CA LEU F 93 -21.62 7.97 24.37
C LEU F 93 -22.12 7.48 25.72
N PRO F 94 -21.33 7.64 26.79
CA PRO F 94 -21.78 7.16 28.11
C PRO F 94 -22.89 8.06 28.66
N LEU F 95 -23.97 7.43 29.13
CA LEU F 95 -25.10 8.16 29.73
C LEU F 95 -24.82 8.46 31.19
N THR F 96 -25.03 9.72 31.59
CA THR F 96 -24.90 10.08 33.00
C THR F 96 -25.87 9.26 33.84
N LYS F 97 -25.47 9.02 35.09
CA LYS F 97 -26.36 8.42 36.07
C LYS F 97 -26.74 9.42 37.16
N ASN F 98 -27.01 10.67 36.78
CA ASN F 98 -27.24 11.72 37.78
C ASN F 98 -28.54 11.52 38.55
N THR F 99 -29.57 10.94 37.94
CA THR F 99 -30.88 10.69 38.57
C THR F 99 -31.67 11.97 38.81
N GLY F 100 -30.99 13.10 38.94
CA GLY F 100 -31.70 14.35 39.19
C GLY F 100 -31.85 15.22 37.96
N ILE F 101 -31.82 14.62 36.78
CA ILE F 101 -31.98 15.38 35.55
C ILE F 101 -33.45 15.61 35.29
N SER F 102 -33.79 16.85 34.92
CA SER F 102 -35.18 17.20 34.64
C SER F 102 -35.74 16.36 33.49
N LYS F 103 -37.04 16.07 33.59
CA LYS F 103 -37.72 15.32 32.53
C LYS F 103 -37.70 16.06 31.21
N GLU F 104 -37.48 17.38 31.22
CA GLU F 104 -37.32 18.14 29.98
C GLU F 104 -36.23 17.56 29.08
N PHE F 105 -35.16 17.01 29.66
CA PHE F 105 -34.02 16.51 28.90
C PHE F 105 -34.09 15.01 28.65
N GLY F 106 -33.67 14.61 27.46
CA GLY F 106 -33.77 13.21 27.08
C GLY F 106 -32.44 12.51 26.97
N THR F 107 -32.41 11.48 26.13
CA THR F 107 -31.23 10.63 26.00
C THR F 107 -30.03 11.38 25.45
N ARG F 108 -30.25 12.28 24.47
CA ARG F 108 -29.11 13.00 23.93
C ARG F 108 -28.44 13.84 25.01
N HIS F 109 -29.24 14.48 25.87
CA HIS F 109 -28.66 15.28 26.95
C HIS F 109 -27.93 14.42 27.94
N ARG F 110 -28.49 13.25 28.28
CA ARG F 110 -27.80 12.33 29.18
C ARG F 110 -26.47 11.87 28.59
N ALA F 111 -26.42 11.71 27.27
CA ALA F 111 -25.17 11.31 26.62
C ALA F 111 -24.16 12.44 26.62
N ALA F 112 -24.59 13.65 26.29
CA ALA F 112 -23.71 14.81 26.38
C ALA F 112 -23.17 14.99 27.78
N ILE F 113 -24.04 14.86 28.79
CA ILE F 113 -23.61 15.07 30.17
C ILE F 113 -22.68 13.94 30.60
N GLY F 114 -23.01 12.70 30.24
CA GLY F 114 -22.14 11.59 30.55
C GLY F 114 -20.75 11.76 29.99
N LEU F 115 -20.64 12.10 28.71
CA LEU F 115 -19.32 12.24 28.10
C LEU F 115 -18.51 13.34 28.78
N SER F 116 -19.17 14.43 29.20
CA SER F 116 -18.49 15.53 29.87
C SER F 116 -17.96 15.15 31.24
N GLU F 117 -18.39 14.01 31.80
CA GLU F 117 -17.90 13.54 33.09
C GLU F 117 -16.59 12.76 32.98
N VAL F 118 -16.26 12.25 31.79
CA VAL F 118 -15.13 11.35 31.64
C VAL F 118 -14.17 11.83 30.56
N SER F 119 -14.29 13.10 30.16
CA SER F 119 -13.44 13.64 29.12
C SER F 119 -13.52 15.16 29.17
N ASP F 120 -12.64 15.81 28.41
CA ASP F 120 -12.73 17.24 28.16
C ASP F 120 -13.39 17.53 26.82
N ALA F 121 -14.22 16.62 26.31
CA ALA F 121 -14.86 16.85 25.03
C ALA F 121 -15.86 18.00 25.17
N LEU F 122 -16.01 18.77 24.10
CA LEU F 122 -17.08 19.76 24.00
C LEU F 122 -18.24 19.11 23.25
N THR F 123 -19.40 19.00 23.89
CA THR F 123 -20.53 18.34 23.25
C THR F 123 -21.73 19.27 23.19
N PHE F 124 -22.43 19.32 22.05
CA PHE F 124 -23.63 20.13 22.00
C PHE F 124 -24.82 19.30 21.53
N VAL F 125 -26.01 19.77 21.93
CA VAL F 125 -27.25 19.04 21.73
C VAL F 125 -28.31 20.00 21.22
N VAL F 126 -29.10 19.56 20.24
CA VAL F 126 -30.38 20.18 19.92
C VAL F 126 -31.48 19.22 20.37
N SER F 127 -32.41 19.72 21.18
CA SER F 127 -33.46 18.88 21.74
C SER F 127 -34.52 18.53 20.71
N GLU F 128 -34.79 17.22 20.57
CA GLU F 128 -35.91 16.76 19.74
C GLU F 128 -37.26 17.21 20.30
N GLU F 129 -37.34 17.41 21.61
CA GLU F 129 -38.61 17.72 22.26
C GLU F 129 -38.90 19.21 22.21
N THR F 130 -37.88 20.05 22.40
CA THR F 130 -38.05 21.50 22.50
C THR F 130 -37.27 22.32 21.48
N GLY F 131 -36.30 21.74 20.79
CA GLY F 131 -35.43 22.55 19.95
C GLY F 131 -34.43 23.36 20.74
N GLY F 132 -34.40 23.23 22.06
CA GLY F 132 -33.42 23.94 22.86
C GLY F 132 -31.99 23.52 22.53
N ILE F 133 -31.08 24.47 22.67
CA ILE F 133 -29.67 24.28 22.38
C ILE F 133 -28.91 24.20 23.70
N SER F 134 -28.06 23.18 23.85
CA SER F 134 -27.25 23.07 25.06
C SER F 134 -25.85 22.60 24.72
N ILE F 135 -24.96 22.81 25.69
CA ILE F 135 -23.55 22.46 25.59
C ILE F 135 -23.13 21.83 26.91
N THR F 136 -22.31 20.78 26.84
CA THR F 136 -21.65 20.25 28.04
C THR F 136 -20.14 20.34 27.86
N TYR F 137 -19.44 20.66 28.95
CA TYR F 137 -17.99 20.78 28.92
C TYR F 137 -17.45 20.65 30.33
N ASN F 138 -16.58 19.68 30.56
CA ASN F 138 -15.94 19.47 31.87
C ASN F 138 -16.96 19.40 33.00
N GLY F 139 -18.05 18.69 32.74
CA GLY F 139 -19.07 18.50 33.75
C GLY F 139 -20.08 19.63 33.86
N ARG F 140 -19.83 20.77 33.22
CA ARG F 140 -20.80 21.85 33.24
C ARG F 140 -21.85 21.63 32.16
N PHE F 141 -23.10 21.93 32.51
CA PHE F 141 -24.23 21.78 31.58
C PHE F 141 -24.88 23.15 31.41
N LYS F 142 -24.82 23.69 30.20
CA LYS F 142 -25.47 24.96 29.87
C LYS F 142 -26.59 24.68 28.88
N HIS F 143 -27.82 25.04 29.25
CA HIS F 143 -28.99 24.65 28.48
C HIS F 143 -29.80 25.88 28.08
N ASN F 144 -30.67 25.68 27.10
CA ASN F 144 -31.57 26.73 26.63
C ASN F 144 -30.81 27.96 26.16
N LEU F 145 -29.72 27.73 25.43
CA LEU F 145 -28.93 28.82 24.87
C LEU F 145 -29.60 29.43 23.65
N THR F 146 -29.51 30.75 23.53
CA THR F 146 -29.75 31.34 22.19
C THR F 146 -28.63 30.92 21.23
N LEU F 147 -28.94 31.04 19.93
CA LEU F 147 -27.93 30.72 18.93
C LEU F 147 -26.66 31.53 19.15
N ASP F 148 -26.80 32.81 19.52
CA ASP F 148 -25.62 33.65 19.71
C ASP F 148 -24.84 33.22 20.95
N GLU F 149 -25.55 32.86 22.01
CA GLU F 149 -24.89 32.33 23.20
C GLU F 149 -24.17 31.04 22.86
N PHE F 150 -24.80 30.20 22.05
CA PHE F 150 -24.19 28.96 21.61
C PHE F 150 -22.88 29.24 20.87
N GLU F 151 -22.92 30.18 19.92
CA GLU F 151 -21.71 30.54 19.17
C GLU F 151 -20.63 31.12 20.07
N THR F 152 -21.03 31.98 21.01
CA THR F 152 -20.07 32.55 21.95
C THR F 152 -19.36 31.45 22.74
N GLU F 153 -20.09 30.44 23.22
CA GLU F 153 -19.48 29.36 23.99
C GLU F 153 -18.54 28.53 23.12
N LEU F 154 -18.97 28.19 21.91
CA LEU F 154 -18.12 27.47 20.97
C LEU F 154 -16.81 28.21 20.74
N ARG F 155 -16.88 29.53 20.56
CA ARG F 155 -15.69 30.29 20.23
C ARG F 155 -14.78 30.43 21.45
N GLU F 156 -15.36 30.56 22.65
CA GLU F 156 -14.56 30.62 23.88
C GLU F 156 -13.81 29.32 24.12
N ILE F 157 -14.46 28.19 23.89
CA ILE F 157 -13.83 26.92 24.22
C ILE F 157 -12.85 26.51 23.13
N LEU F 158 -13.23 26.67 21.87
CA LEU F 158 -12.45 26.17 20.74
C LEU F 158 -11.41 27.17 20.25
N LEU F 159 -11.67 28.47 20.39
CA LEU F 159 -10.74 29.53 19.98
C LEU F 159 -10.48 30.47 21.14
N PRO F 160 -9.82 29.99 22.21
CA PRO F 160 -9.57 30.86 23.37
C PRO F 160 -8.67 32.07 23.08
#